data_8CFN
#
_entry.id   8CFN
#
_cell.length_a   142.550
_cell.length_b   85.310
_cell.length_c   111.410
_cell.angle_alpha   90.00
_cell.angle_beta   122.52
_cell.angle_gamma   90.00
#
_symmetry.space_group_name_H-M   'C 1 2 1'
#
loop_
_entity.id
_entity.type
_entity.pdbx_description
1 polymer Adenosylhomocysteinase
2 non-polymer NICOTINAMIDE-ADENINE-DINUCLEOTIDE
3 non-polymer 'POTASSIUM ION'
4 non-polymer 'PHOSPHATE ION'
5 non-polymer N-(3-fluorophenyl)-2-(2-methoxyethoxy)acetamide
6 non-polymer 'DIMETHYL SULFOXIDE'
7 non-polymer ADENINE
8 non-polymer GLYCEROL
9 water water
#
_entity_poly.entity_id   1
_entity_poly.type   'polypeptide(L)'
_entity_poly.pdbx_seq_one_letter_code
;SNAMSAVMTPAGFTDYKVADITLAAWGRRELIIAESEMPALMGLRRKYAGQQPLKGAKILGCIHMTIQTGVLIETLVALG
AEVRWSSCNIFSTQDQAAAAIAAAGIPVFAWKGETEEEYEWCIEQTILKDGQPWDANMVLDDGGDLTEILHKKYPQMLER
IHGITEETTTGVHRLLDMLKNGTLKVPAINVNDSVTKSKNDNKYGCRHSLNDAIKRGTDHLLSGKQALVIGYGDVGKGSS
QSLRQEGMIVKVAEVDPICAMQACMDGFEVVSPYKNGINDGTEASIDAALLGKIDLIVTTTGNVNVCDANMLKALKKRAV
VCNIGHFDNEIDTAFMRKNWAWEEVKPQVHKIHRTGKDGFDAHNDDYLILLAEGRLVNLGNATGHPSRIMDGSFANQVLA
QIHLFEQKYADLPAAEKAKRLSVEVLPKKLDEEVALEMVKGFGGVVTQLTPKQAEYIGVSVEGPFKPDTYRY
;
_entity_poly.pdbx_strand_id   A,C
#
loop_
_chem_comp.id
_chem_comp.type
_chem_comp.name
_chem_comp.formula
ADE non-polymer ADENINE 'C5 H5 N5'
DMS non-polymer 'DIMETHYL SULFOXIDE' 'C2 H6 O S'
GOL non-polymer GLYCEROL 'C3 H8 O3'
K non-polymer 'POTASSIUM ION' 'K 1'
NAD non-polymer NICOTINAMIDE-ADENINE-DINUCLEOTIDE 'C21 H27 N7 O14 P2'
PO4 non-polymer 'PHOSPHATE ION' 'O4 P -3'
RAY non-polymer N-(3-fluorophenyl)-2-(2-methoxyethoxy)acetamide 'C11 H14 F N O3'
#
# COMPACT_ATOMS: atom_id res chain seq x y z
N ALA A 11 -33.65 15.82 11.27
CA ALA A 11 -32.40 16.37 10.74
C ALA A 11 -31.60 17.04 11.87
N GLY A 12 -32.21 17.11 13.04
CA GLY A 12 -31.56 17.74 14.18
C GLY A 12 -30.77 16.75 15.01
N PHE A 13 -30.14 15.79 14.34
CA PHE A 13 -29.34 14.80 15.04
C PHE A 13 -28.04 15.42 15.51
N THR A 14 -27.78 15.34 16.82
CA THR A 14 -26.55 15.87 17.39
C THR A 14 -25.82 14.88 18.28
N ASP A 15 -26.29 13.64 18.38
CA ASP A 15 -25.82 12.68 19.36
C ASP A 15 -24.64 11.89 18.78
N TYR A 16 -23.52 12.59 18.59
CA TYR A 16 -22.33 12.01 17.97
C TYR A 16 -21.15 12.96 18.17
N LYS A 17 -19.95 12.45 17.97
CA LYS A 17 -18.78 13.31 17.86
C LYS A 17 -17.78 12.67 16.91
N VAL A 18 -17.51 13.35 15.80
CA VAL A 18 -16.58 12.87 14.78
C VAL A 18 -15.67 14.03 14.37
N ALA A 19 -14.65 13.71 13.59
CA ALA A 19 -13.69 14.74 13.18
C ALA A 19 -14.31 15.78 12.25
N ASP A 20 -15.11 15.33 11.28
CA ASP A 20 -15.57 16.21 10.20
C ASP A 20 -16.77 15.54 9.53
N ILE A 21 -17.96 16.00 9.89
CA ILE A 21 -19.20 15.47 9.32
C ILE A 21 -19.26 15.61 7.80
N THR A 22 -18.52 16.55 7.22
CA THR A 22 -18.58 16.71 5.77
C THR A 22 -17.89 15.60 5.01
N LEU A 23 -17.20 14.71 5.71
CA LEU A 23 -16.62 13.54 5.07
C LEU A 23 -17.65 12.44 4.81
N ALA A 24 -18.92 12.69 5.19
CA ALA A 24 -19.92 11.62 5.16
C ALA A 24 -20.16 11.09 3.75
N ALA A 25 -20.26 11.95 2.75
CA ALA A 25 -20.58 11.45 1.41
C ALA A 25 -19.48 10.54 0.88
N TRP A 26 -18.22 10.91 1.12
CA TRP A 26 -17.10 10.04 0.76
C TRP A 26 -17.20 8.71 1.50
N GLY A 27 -17.48 8.77 2.81
CA GLY A 27 -17.63 7.53 3.58
C GLY A 27 -18.76 6.68 3.05
N ARG A 28 -19.89 7.30 2.68
CA ARG A 28 -21.01 6.54 2.14
C ARG A 28 -20.63 5.87 0.82
N ARG A 29 -19.88 6.55 -0.05
CA ARG A 29 -19.43 5.89 -1.28
C ARG A 29 -18.58 4.67 -0.96
N GLU A 30 -17.71 4.78 0.05
CA GLU A 30 -16.87 3.63 0.40
C GLU A 30 -17.67 2.53 1.08
N LEU A 31 -18.69 2.87 1.86
CA LEU A 31 -19.58 1.84 2.41
C LEU A 31 -20.29 1.08 1.29
N ILE A 32 -20.76 1.78 0.26
CA ILE A 32 -21.45 1.10 -0.84
C ILE A 32 -20.51 0.15 -1.58
N ILE A 33 -19.26 0.57 -1.79
CA ILE A 33 -18.28 -0.37 -2.35
C ILE A 33 -18.05 -1.54 -1.40
N ALA A 34 -17.90 -1.26 -0.11
CA ALA A 34 -17.61 -2.32 0.87
C ALA A 34 -18.73 -3.35 0.92
N GLU A 35 -19.98 -2.90 0.81
CA GLU A 35 -21.10 -3.85 0.76
C GLU A 35 -20.92 -4.87 -0.35
N SER A 36 -20.43 -4.42 -1.51
CA SER A 36 -20.19 -5.35 -2.62
C SER A 36 -19.04 -6.31 -2.36
N GLU A 37 -18.19 -6.02 -1.38
CA GLU A 37 -17.06 -6.86 -1.00
C GLU A 37 -17.35 -7.73 0.20
N MET A 38 -18.57 -7.69 0.74
CA MET A 38 -18.91 -8.38 1.99
C MET A 38 -20.15 -9.24 1.81
N PRO A 39 -20.03 -10.31 1.02
CA PRO A 39 -21.23 -11.12 0.71
C PRO A 39 -21.80 -11.88 1.89
N ALA A 40 -20.97 -12.34 2.84
CA ALA A 40 -21.55 -13.05 3.98
C ALA A 40 -22.36 -12.12 4.84
N LEU A 41 -21.83 -10.92 5.09
CA LEU A 41 -22.52 -9.95 5.91
C LEU A 41 -23.77 -9.43 5.22
N MET A 42 -23.64 -9.09 3.93
N MET A 42 -23.67 -9.11 3.92
CA MET A 42 -24.80 -8.67 3.13
CA MET A 42 -24.85 -8.64 3.21
C MET A 42 -25.85 -9.77 3.09
C MET A 42 -25.85 -9.76 2.93
N GLY A 43 -25.41 -11.02 2.94
CA GLY A 43 -26.35 -12.12 2.87
C GLY A 43 -27.13 -12.25 4.16
N LEU A 44 -26.48 -12.01 5.30
CA LEU A 44 -27.23 -11.99 6.56
C LEU A 44 -28.24 -10.85 6.60
N ARG A 45 -27.87 -9.70 6.06
CA ARG A 45 -28.82 -8.58 5.98
C ARG A 45 -30.07 -8.98 5.19
N ARG A 46 -29.87 -9.56 4.01
CA ARG A 46 -31.01 -9.98 3.20
C ARG A 46 -31.80 -11.10 3.87
N LYS A 47 -31.10 -12.03 4.53
CA LYS A 47 -31.77 -13.20 5.08
C LYS A 47 -32.66 -12.83 6.25
N TYR A 48 -32.19 -11.93 7.11
CA TYR A 48 -32.85 -11.66 8.38
C TYR A 48 -33.61 -10.35 8.43
N ALA A 49 -33.58 -9.56 7.35
CA ALA A 49 -34.19 -8.22 7.40
C ALA A 49 -35.68 -8.31 7.72
N GLY A 50 -36.39 -9.24 7.10
CA GLY A 50 -37.81 -9.37 7.37
C GLY A 50 -38.11 -9.85 8.76
N GLN A 51 -37.25 -10.72 9.31
CA GLN A 51 -37.48 -11.31 10.62
C GLN A 51 -37.17 -10.32 11.76
N GLN A 52 -36.32 -9.34 11.52
CA GLN A 52 -35.94 -8.36 12.55
C GLN A 52 -35.48 -9.04 13.85
N PRO A 53 -34.51 -9.95 13.78
CA PRO A 53 -34.16 -10.73 14.97
C PRO A 53 -33.55 -9.90 16.09
N LEU A 54 -33.10 -8.68 15.77
CA LEU A 54 -32.48 -7.79 16.76
C LEU A 54 -33.39 -6.64 17.16
N LYS A 55 -34.68 -6.74 16.85
CA LYS A 55 -35.63 -5.73 17.34
C LYS A 55 -35.64 -5.71 18.86
N GLY A 56 -35.44 -4.53 19.44
CA GLY A 56 -35.31 -4.40 20.88
C GLY A 56 -33.89 -4.47 21.39
N ALA A 57 -32.94 -4.90 20.57
CA ALA A 57 -31.54 -4.91 20.98
C ALA A 57 -31.01 -3.47 21.04
N LYS A 58 -30.21 -3.21 22.08
CA LYS A 58 -29.59 -1.90 22.28
C LYS A 58 -28.13 -2.20 22.57
N ILE A 59 -27.29 -2.05 21.56
CA ILE A 59 -25.93 -2.60 21.56
C ILE A 59 -24.93 -1.48 21.82
N LEU A 60 -24.13 -1.64 22.86
CA LEU A 60 -22.92 -0.84 23.02
C LEU A 60 -21.82 -1.51 22.21
N GLY A 61 -21.25 -0.79 21.26
CA GLY A 61 -20.20 -1.32 20.40
C GLY A 61 -18.91 -0.55 20.58
N CYS A 62 -17.81 -1.30 20.67
CA CYS A 62 -16.48 -0.69 20.82
C CYS A 62 -15.53 -1.47 19.92
N ILE A 63 -15.39 -1.01 18.68
CA ILE A 63 -14.49 -1.64 17.72
C ILE A 63 -14.13 -0.60 16.67
N HIS A 64 -12.86 -0.62 16.27
CA HIS A 64 -12.25 0.22 15.24
C HIS A 64 -13.28 0.80 14.28
N MET A 65 -13.44 2.11 14.25
CA MET A 65 -14.53 2.73 13.49
C MET A 65 -14.10 2.93 12.03
N THR A 66 -14.00 1.79 11.32
CA THR A 66 -13.59 1.72 9.93
C THR A 66 -14.81 1.58 9.04
N ILE A 67 -14.56 1.63 7.71
CA ILE A 67 -15.62 1.40 6.74
C ILE A 67 -16.23 0.03 6.97
N GLN A 68 -15.38 -0.96 7.27
CA GLN A 68 -15.86 -2.33 7.48
C GLN A 68 -16.78 -2.40 8.70
N THR A 69 -16.40 -1.71 9.78
CA THR A 69 -17.28 -1.66 10.93
C THR A 69 -18.57 -0.92 10.63
N GLY A 70 -18.51 0.06 9.73
CA GLY A 70 -19.74 0.70 9.30
C GLY A 70 -20.73 -0.29 8.70
N VAL A 71 -20.24 -1.21 7.87
CA VAL A 71 -21.13 -2.20 7.27
C VAL A 71 -21.68 -3.13 8.36
N LEU A 72 -20.86 -3.49 9.34
CA LEU A 72 -21.34 -4.25 10.49
C LEU A 72 -22.45 -3.49 11.22
N ILE A 73 -22.19 -2.23 11.58
CA ILE A 73 -23.17 -1.41 12.31
C ILE A 73 -24.49 -1.38 11.56
N GLU A 74 -24.45 -1.04 10.28
CA GLU A 74 -25.70 -0.91 9.53
C GLU A 74 -26.37 -2.26 9.29
N THR A 75 -25.63 -3.36 9.38
CA THR A 75 -26.29 -4.67 9.35
C THR A 75 -27.05 -4.91 10.64
N LEU A 76 -26.45 -4.61 11.80
CA LEU A 76 -27.16 -4.73 13.07
C LEU A 76 -28.42 -3.88 13.08
N VAL A 77 -28.30 -2.62 12.63
CA VAL A 77 -29.44 -1.71 12.57
C VAL A 77 -30.51 -2.24 11.64
N ALA A 78 -30.10 -2.73 10.47
CA ALA A 78 -31.03 -3.29 9.50
C ALA A 78 -31.79 -4.48 10.06
N LEU A 79 -31.17 -5.21 10.99
CA LEU A 79 -31.83 -6.34 11.64
C LEU A 79 -32.64 -5.92 12.87
N GLY A 80 -32.70 -4.63 13.17
CA GLY A 80 -33.59 -4.11 14.20
C GLY A 80 -32.91 -3.43 15.37
N ALA A 81 -31.58 -3.47 15.47
CA ALA A 81 -30.92 -2.98 16.66
C ALA A 81 -30.84 -1.45 16.68
N GLU A 82 -30.73 -0.92 17.89
CA GLU A 82 -30.16 0.40 18.12
C GLU A 82 -28.75 0.22 18.67
N VAL A 83 -27.86 1.16 18.35
CA VAL A 83 -26.47 1.06 18.78
C VAL A 83 -25.95 2.41 19.25
N ARG A 84 -24.87 2.35 20.03
CA ARG A 84 -24.07 3.52 20.38
C ARG A 84 -22.63 3.06 20.29
N TRP A 85 -21.80 3.77 19.51
CA TRP A 85 -20.55 3.20 19.02
C TRP A 85 -19.35 4.05 19.39
N SER A 86 -18.22 3.39 19.66
CA SER A 86 -16.93 4.05 19.79
C SER A 86 -15.88 3.15 19.16
N SER A 87 -14.71 3.72 18.89
CA SER A 87 -13.58 2.91 18.42
C SER A 87 -12.85 2.30 19.61
N CYS A 88 -12.18 1.17 19.38
CA CYS A 88 -11.37 0.53 20.40
C CYS A 88 -9.87 0.87 20.29
N ASN A 89 -9.51 1.89 19.52
CA ASN A 89 -8.12 2.33 19.46
C ASN A 89 -8.10 3.78 19.03
N ILE A 90 -7.12 4.52 19.58
CA ILE A 90 -7.06 5.96 19.32
C ILE A 90 -6.73 6.32 17.87
N PHE A 91 -6.12 5.41 17.10
CA PHE A 91 -5.68 5.73 15.74
C PHE A 91 -6.41 4.96 14.65
N SER A 92 -7.37 4.11 15.00
CA SER A 92 -7.89 3.16 14.01
C SER A 92 -9.13 3.65 13.28
N THR A 93 -9.80 4.70 13.76
CA THR A 93 -10.96 5.23 13.06
C THR A 93 -10.57 5.74 11.67
N GLN A 94 -11.43 5.48 10.70
CA GLN A 94 -11.41 6.20 9.44
C GLN A 94 -12.47 7.29 9.55
N ASP A 95 -12.03 8.54 9.46
CA ASP A 95 -12.94 9.64 9.77
C ASP A 95 -14.13 9.70 8.81
N GLN A 96 -13.95 9.25 7.55
CA GLN A 96 -15.08 9.24 6.61
C GLN A 96 -16.12 8.18 7.00
N ALA A 97 -15.68 7.08 7.62
CA ALA A 97 -16.62 6.06 8.07
C ALA A 97 -17.42 6.57 9.26
N ALA A 98 -16.72 7.17 10.24
CA ALA A 98 -17.40 7.73 11.39
C ALA A 98 -18.40 8.79 10.93
N ALA A 99 -18.00 9.62 9.97
CA ALA A 99 -18.92 10.65 9.47
C ALA A 99 -20.15 10.04 8.80
N ALA A 100 -19.96 9.00 7.99
CA ALA A 100 -21.11 8.44 7.29
C ALA A 100 -22.10 7.82 8.26
N ILE A 101 -21.60 7.25 9.36
CA ILE A 101 -22.45 6.63 10.35
C ILE A 101 -23.21 7.70 11.13
N ALA A 102 -22.50 8.74 11.55
CA ALA A 102 -23.15 9.86 12.23
C ALA A 102 -24.21 10.50 11.34
N ALA A 103 -23.88 10.70 10.06
CA ALA A 103 -24.82 11.35 9.14
C ALA A 103 -26.07 10.50 8.92
N ALA A 104 -26.00 9.20 9.14
CA ALA A 104 -27.16 8.32 9.05
C ALA A 104 -28.01 8.33 10.32
N GLY A 105 -27.68 9.17 11.30
CA GLY A 105 -28.44 9.21 12.53
C GLY A 105 -28.07 8.18 13.57
N ILE A 106 -26.86 7.64 13.51
CA ILE A 106 -26.41 6.60 14.43
C ILE A 106 -25.39 7.24 15.38
N PRO A 107 -25.56 7.10 16.70
CA PRO A 107 -24.63 7.69 17.65
C PRO A 107 -23.26 7.01 17.57
N VAL A 108 -22.23 7.79 17.25
CA VAL A 108 -20.87 7.31 17.17
C VAL A 108 -19.95 8.40 17.69
N PHE A 109 -18.97 8.01 18.50
CA PHE A 109 -18.02 8.93 19.11
C PHE A 109 -16.64 8.37 18.80
N ALA A 110 -15.99 8.93 17.78
CA ALA A 110 -14.77 8.31 17.25
C ALA A 110 -14.08 9.23 16.26
N TRP A 111 -12.76 9.38 16.40
CA TRP A 111 -11.98 10.07 15.38
C TRP A 111 -10.57 9.53 15.38
N LYS A 112 -9.89 9.68 14.26
CA LYS A 112 -8.50 9.28 14.17
C LYS A 112 -7.64 10.27 14.93
N GLY A 113 -6.76 9.77 15.80
CA GLY A 113 -5.89 10.62 16.58
C GLY A 113 -6.45 11.13 17.88
N GLU A 114 -7.30 10.35 18.54
CA GLU A 114 -7.77 10.69 19.88
C GLU A 114 -6.61 10.68 20.88
N THR A 115 -6.74 11.48 21.93
CA THR A 115 -5.91 11.29 23.10
C THR A 115 -6.51 10.18 23.96
N GLU A 116 -5.73 9.71 24.95
CA GLU A 116 -6.25 8.69 25.86
C GLU A 116 -7.49 9.20 26.59
N GLU A 117 -7.47 10.46 27.02
CA GLU A 117 -8.64 11.03 27.69
C GLU A 117 -9.85 11.04 26.77
N GLU A 118 -9.64 11.44 25.51
CA GLU A 118 -10.72 11.43 24.54
C GLU A 118 -11.22 10.02 24.27
N TYR A 119 -10.30 9.06 24.24
CA TYR A 119 -10.68 7.66 24.03
C TYR A 119 -11.65 7.20 25.11
N GLU A 120 -11.33 7.47 26.38
CA GLU A 120 -12.23 7.09 27.47
C GLU A 120 -13.53 7.89 27.42
N TRP A 121 -13.46 9.16 27.05
CA TRP A 121 -14.67 9.98 26.96
C TRP A 121 -15.62 9.40 25.91
N CYS A 122 -15.06 8.96 24.79
CA CYS A 122 -15.88 8.37 23.71
C CYS A 122 -16.61 7.13 24.19
N ILE A 123 -15.91 6.22 24.87
CA ILE A 123 -16.60 5.03 25.38
C ILE A 123 -17.71 5.46 26.34
N GLU A 124 -17.42 6.45 27.19
CA GLU A 124 -18.40 6.93 28.14
C GLU A 124 -19.63 7.51 27.44
N GLN A 125 -19.45 8.15 26.29
CA GLN A 125 -20.59 8.69 25.55
C GLN A 125 -21.47 7.60 24.94
N THR A 126 -20.94 6.39 24.70
CA THR A 126 -21.84 5.30 24.34
C THR A 126 -22.61 4.81 25.56
N ILE A 127 -21.93 4.71 26.71
CA ILE A 127 -22.52 4.15 27.92
C ILE A 127 -23.63 5.03 28.46
N LEU A 128 -23.43 6.36 28.39
CA LEU A 128 -24.38 7.32 28.93
C LEU A 128 -25.17 7.93 27.78
N LYS A 129 -26.47 8.12 28.01
CA LYS A 129 -27.31 8.87 27.07
C LYS A 129 -28.03 9.94 27.87
N ASP A 130 -27.82 11.20 27.52
CA ASP A 130 -28.39 12.32 28.27
C ASP A 130 -27.91 12.31 29.72
N GLY A 131 -26.65 11.97 29.93
CA GLY A 131 -26.05 12.00 31.25
C GLY A 131 -26.42 10.85 32.17
N GLN A 132 -27.22 9.90 31.71
CA GLN A 132 -27.64 8.75 32.49
C GLN A 132 -27.30 7.48 31.72
N PRO A 133 -27.13 6.36 32.41
CA PRO A 133 -26.82 5.10 31.70
C PRO A 133 -27.88 4.82 30.65
N TRP A 134 -27.42 4.52 29.44
CA TRP A 134 -28.32 4.04 28.40
C TRP A 134 -28.91 2.69 28.82
N ASP A 135 -30.11 2.39 28.35
CA ASP A 135 -30.74 1.09 28.61
C ASP A 135 -30.20 0.02 27.67
N ALA A 136 -28.88 -0.11 27.69
CA ALA A 136 -28.20 -1.10 26.85
C ALA A 136 -28.54 -2.51 27.31
N ASN A 137 -28.58 -3.43 26.35
CA ASN A 137 -28.79 -4.84 26.68
C ASN A 137 -27.86 -5.80 25.95
N MET A 138 -26.96 -5.31 25.11
CA MET A 138 -26.00 -6.16 24.41
C MET A 138 -24.68 -5.41 24.35
N VAL A 139 -23.59 -6.14 24.23
CA VAL A 139 -22.25 -5.57 24.14
C VAL A 139 -21.50 -6.25 23.00
N LEU A 140 -20.86 -5.44 22.16
CA LEU A 140 -19.93 -5.92 21.14
C LEU A 140 -18.61 -5.22 21.37
N ASP A 141 -17.54 -5.99 21.60
CA ASP A 141 -16.27 -5.44 22.08
C ASP A 141 -15.12 -6.05 21.29
N ASP A 142 -13.99 -5.31 21.23
CA ASP A 142 -12.78 -5.73 20.54
C ASP A 142 -11.60 -5.32 21.40
N GLY A 143 -11.10 -6.25 22.22
CA GLY A 143 -9.98 -6.01 23.09
C GLY A 143 -10.34 -5.96 24.56
N GLY A 144 -11.63 -5.80 24.90
CA GLY A 144 -12.07 -5.90 26.27
C GLY A 144 -12.17 -4.62 27.06
N ASP A 145 -11.88 -3.46 26.45
CA ASP A 145 -11.88 -2.21 27.21
C ASP A 145 -13.29 -1.83 27.66
N LEU A 146 -14.27 -1.87 26.74
CA LEU A 146 -15.65 -1.59 27.13
C LEU A 146 -16.15 -2.58 28.17
N THR A 147 -15.84 -3.87 27.97
CA THR A 147 -16.21 -4.91 28.92
C THR A 147 -15.66 -4.60 30.30
N GLU A 148 -14.39 -4.18 30.37
CA GLU A 148 -13.76 -3.88 31.65
C GLU A 148 -14.39 -2.67 32.31
N ILE A 149 -14.64 -1.61 31.54
CA ILE A 149 -15.27 -0.40 32.10
C ILE A 149 -16.65 -0.73 32.65
N LEU A 150 -17.43 -1.53 31.94
CA LEU A 150 -18.76 -1.89 32.44
C LEU A 150 -18.66 -2.66 33.75
N HIS A 151 -17.71 -3.60 33.84
CA HIS A 151 -17.61 -4.42 35.05
C HIS A 151 -17.09 -3.60 36.23
N LYS A 152 -16.16 -2.69 35.99
CA LYS A 152 -15.57 -1.93 37.09
C LYS A 152 -16.41 -0.72 37.48
N LYS A 153 -16.89 0.05 36.49
CA LYS A 153 -17.49 1.35 36.75
C LYS A 153 -19.01 1.37 36.66
N TYR A 154 -19.62 0.47 35.88
CA TYR A 154 -21.07 0.45 35.69
C TYR A 154 -21.63 -0.96 35.90
N PRO A 155 -21.34 -1.59 37.03
CA PRO A 155 -21.82 -2.97 37.20
C PRO A 155 -23.33 -3.11 37.17
N GLN A 156 -24.08 -2.08 37.59
CA GLN A 156 -25.54 -2.18 37.57
C GLN A 156 -26.07 -2.32 36.15
N MET A 157 -25.38 -1.73 35.17
CA MET A 157 -25.83 -1.87 33.79
C MET A 157 -25.78 -3.31 33.33
N LEU A 158 -24.80 -4.09 33.82
CA LEU A 158 -24.66 -5.48 33.43
C LEU A 158 -25.84 -6.34 33.86
N GLU A 159 -26.64 -5.87 34.83
CA GLU A 159 -27.84 -6.60 35.21
C GLU A 159 -28.86 -6.69 34.09
N ARG A 160 -28.77 -5.81 33.08
CA ARG A 160 -29.74 -5.79 32.00
C ARG A 160 -29.18 -6.31 30.68
N ILE A 161 -27.91 -6.71 30.64
CA ILE A 161 -27.23 -7.05 29.41
C ILE A 161 -27.27 -8.56 29.21
N HIS A 162 -27.67 -9.00 28.02
CA HIS A 162 -27.80 -10.44 27.76
C HIS A 162 -26.49 -11.10 27.38
N GLY A 163 -25.51 -10.36 26.88
CA GLY A 163 -24.28 -11.02 26.47
C GLY A 163 -23.28 -10.04 25.90
N ILE A 164 -22.05 -10.54 25.78
CA ILE A 164 -20.93 -9.84 25.14
C ILE A 164 -20.46 -10.69 23.97
N THR A 165 -20.18 -10.06 22.84
CA THR A 165 -19.57 -10.76 21.72
C THR A 165 -18.20 -10.13 21.49
N GLU A 166 -17.13 -10.88 21.78
CA GLU A 166 -15.78 -10.34 21.81
C GLU A 166 -15.01 -10.77 20.57
N GLU A 167 -14.31 -9.79 19.96
CA GLU A 167 -13.75 -9.93 18.62
C GLU A 167 -12.38 -10.59 18.62
N THR A 168 -11.51 -10.27 19.57
CA THR A 168 -10.08 -10.48 19.35
C THR A 168 -9.42 -11.30 20.45
N THR A 169 -8.24 -11.82 20.09
CA THR A 169 -7.52 -12.78 20.93
C THR A 169 -7.27 -12.18 22.32
N THR A 170 -6.77 -10.95 22.37
CA THR A 170 -6.51 -10.30 23.65
C THR A 170 -7.79 -10.16 24.48
N GLY A 171 -8.90 -9.76 23.84
CA GLY A 171 -10.15 -9.61 24.58
C GLY A 171 -10.67 -10.93 25.12
N VAL A 172 -10.53 -12.00 24.35
CA VAL A 172 -10.94 -13.32 24.84
C VAL A 172 -10.13 -13.72 26.07
N HIS A 173 -8.81 -13.50 26.02
CA HIS A 173 -7.99 -13.80 27.20
C HIS A 173 -8.52 -13.10 28.43
N ARG A 174 -8.91 -11.82 28.29
CA ARG A 174 -9.46 -11.08 29.43
C ARG A 174 -10.79 -11.67 29.90
N LEU A 175 -11.65 -12.09 28.97
CA LEU A 175 -12.91 -12.73 29.35
C LEU A 175 -12.68 -14.01 30.11
N LEU A 176 -11.70 -14.82 29.67
CA LEU A 176 -11.44 -16.09 30.32
C LEU A 176 -10.85 -15.90 31.72
N ASP A 177 -10.02 -14.87 31.90
CA ASP A 177 -9.54 -14.55 33.25
C ASP A 177 -10.70 -14.19 34.17
N MET A 178 -11.67 -13.42 33.67
CA MET A 178 -12.81 -13.05 34.50
C MET A 178 -13.67 -14.26 34.82
N LEU A 179 -13.91 -15.12 33.84
CA LEU A 179 -14.69 -16.32 34.09
C LEU A 179 -14.03 -17.21 35.14
N LYS A 180 -12.72 -17.42 35.01
CA LYS A 180 -11.99 -18.22 35.99
C LYS A 180 -12.04 -17.62 37.38
N ASN A 181 -12.06 -16.29 37.48
CA ASN A 181 -12.09 -15.60 38.76
C ASN A 181 -13.50 -15.36 39.30
N GLY A 182 -14.53 -15.81 38.59
CA GLY A 182 -15.89 -15.57 39.03
C GLY A 182 -16.33 -14.11 38.97
N THR A 183 -15.69 -13.30 38.11
CA THR A 183 -16.01 -11.88 37.99
C THR A 183 -16.74 -11.52 36.71
N LEU A 184 -16.82 -12.42 35.74
CA LEU A 184 -17.63 -12.18 34.56
C LEU A 184 -19.11 -12.23 34.96
N LYS A 185 -19.88 -11.23 34.54
CA LYS A 185 -21.26 -11.08 35.00
C LYS A 185 -22.29 -11.49 33.95
N VAL A 186 -21.91 -11.62 32.69
CA VAL A 186 -22.83 -12.00 31.62
C VAL A 186 -22.13 -12.97 30.69
N PRO A 187 -22.90 -13.81 30.01
CA PRO A 187 -22.27 -14.77 29.10
C PRO A 187 -21.69 -14.09 27.88
N ALA A 188 -20.72 -14.76 27.25
CA ALA A 188 -20.02 -14.17 26.13
C ALA A 188 -19.83 -15.21 25.01
N ILE A 189 -19.74 -14.71 23.79
CA ILE A 189 -19.31 -15.52 22.66
C ILE A 189 -17.93 -15.04 22.23
N ASN A 190 -17.00 -15.99 22.15
CA ASN A 190 -15.66 -15.80 21.63
C ASN A 190 -15.78 -15.87 20.10
N VAL A 191 -15.94 -14.70 19.49
CA VAL A 191 -16.00 -14.61 18.02
C VAL A 191 -14.65 -14.92 17.40
N ASN A 192 -13.56 -14.65 18.12
CA ASN A 192 -12.22 -14.79 17.54
C ASN A 192 -11.98 -16.20 17.03
N ASP A 193 -12.50 -17.22 17.73
CA ASP A 193 -12.08 -18.58 17.47
C ASP A 193 -12.93 -19.35 16.45
N SER A 194 -13.87 -18.70 15.78
CA SER A 194 -14.37 -19.26 14.52
C SER A 194 -13.20 -19.37 13.56
N VAL A 195 -13.24 -20.38 12.68
CA VAL A 195 -12.18 -20.45 11.67
C VAL A 195 -12.31 -19.29 10.71
N THR A 196 -13.54 -18.92 10.35
CA THR A 196 -13.76 -17.80 9.43
C THR A 196 -13.42 -16.47 10.06
N LYS A 197 -13.08 -16.44 11.35
CA LYS A 197 -12.54 -15.23 11.96
C LYS A 197 -11.04 -15.42 12.12
N SER A 198 -10.63 -16.30 13.04
CA SER A 198 -9.21 -16.43 13.40
C SER A 198 -8.29 -16.57 12.19
N LYS A 199 -8.62 -17.46 11.24
CA LYS A 199 -7.77 -17.61 10.06
C LYS A 199 -7.85 -16.38 9.18
N ASN A 200 -9.06 -16.06 8.80
CA ASN A 200 -9.30 -15.06 7.80
C ASN A 200 -8.74 -13.72 8.26
N ASP A 201 -9.23 -13.25 9.40
CA ASP A 201 -8.84 -11.97 9.96
C ASP A 201 -7.40 -12.00 10.51
N ASN A 202 -7.14 -12.84 11.53
CA ASN A 202 -5.88 -12.72 12.26
C ASN A 202 -4.69 -12.98 11.35
N LYS A 203 -4.81 -13.95 10.46
CA LYS A 203 -3.68 -14.29 9.56
C LYS A 203 -3.76 -13.51 8.25
N TYR A 204 -4.78 -13.78 7.43
CA TYR A 204 -4.84 -13.21 6.10
C TYR A 204 -4.97 -11.69 6.14
N GLY A 205 -5.70 -11.17 7.12
CA GLY A 205 -5.86 -9.73 7.21
C GLY A 205 -4.54 -9.02 7.39
N CYS A 206 -3.66 -9.61 8.22
CA CYS A 206 -2.36 -9.01 8.45
C CYS A 206 -1.43 -9.18 7.26
N ARG A 207 -1.59 -10.25 6.49
CA ARG A 207 -0.82 -10.40 5.26
C ARG A 207 -1.11 -9.24 4.31
N HIS A 208 -2.38 -8.86 4.19
CA HIS A 208 -2.75 -7.75 3.31
C HIS A 208 -2.28 -6.42 3.88
N SER A 209 -2.48 -6.22 5.18
CA SER A 209 -2.43 -4.86 5.72
C SER A 209 -1.13 -4.45 6.40
N LEU A 210 -0.24 -5.39 6.76
CA LEU A 210 1.02 -4.97 7.38
C LEU A 210 1.91 -4.26 6.38
N ASN A 211 2.24 -4.88 5.25
CA ASN A 211 3.08 -4.20 4.28
CA ASN A 211 3.07 -4.21 4.26
C ASN A 211 2.41 -2.94 3.76
N ASP A 212 1.07 -2.94 3.70
CA ASP A 212 0.32 -1.76 3.29
C ASP A 212 0.64 -0.59 4.21
N ALA A 213 0.54 -0.81 5.52
CA ALA A 213 0.80 0.25 6.49
C ALA A 213 2.25 0.71 6.47
N ILE A 214 3.21 -0.21 6.33
CA ILE A 214 4.61 0.19 6.28
C ILE A 214 4.88 1.05 5.05
N LYS A 215 4.33 0.65 3.89
CA LYS A 215 4.48 1.47 2.69
C LYS A 215 3.86 2.86 2.87
N ARG A 216 2.64 2.92 3.40
CA ARG A 216 2.02 4.23 3.53
C ARG A 216 2.78 5.11 4.51
N GLY A 217 3.28 4.54 5.60
CA GLY A 217 3.98 5.33 6.60
C GLY A 217 5.36 5.81 6.16
N THR A 218 6.11 4.94 5.48
CA THR A 218 7.51 5.20 5.18
C THR A 218 7.84 5.23 3.70
N ASP A 219 7.04 4.57 2.86
CA ASP A 219 7.38 4.39 1.44
C ASP A 219 8.72 3.70 1.26
N HIS A 220 9.15 2.91 2.24
CA HIS A 220 10.41 2.19 2.16
C HIS A 220 10.30 0.99 1.24
N LEU A 221 11.30 0.82 0.37
CA LEU A 221 11.52 -0.49 -0.24
C LEU A 221 11.70 -1.52 0.86
N LEU A 222 10.98 -2.65 0.73
CA LEU A 222 11.15 -3.74 1.67
C LEU A 222 12.02 -4.85 1.11
N SER A 223 11.99 -5.06 -0.20
CA SER A 223 12.75 -6.15 -0.81
CA SER A 223 12.74 -6.16 -0.78
C SER A 223 14.23 -6.02 -0.45
N GLY A 224 14.83 -7.14 -0.06
CA GLY A 224 16.26 -7.16 0.19
C GLY A 224 16.66 -6.73 1.58
N LYS A 225 15.72 -6.27 2.39
CA LYS A 225 16.02 -5.78 3.72
C LYS A 225 15.67 -6.84 4.76
N GLN A 226 16.20 -6.66 5.97
CA GLN A 226 16.09 -7.65 7.04
CA GLN A 226 16.08 -7.66 7.03
C GLN A 226 14.97 -7.29 8.00
N ALA A 227 14.08 -8.25 8.25
CA ALA A 227 12.99 -8.09 9.19
C ALA A 227 13.10 -9.09 10.32
N LEU A 228 12.64 -8.68 11.50
CA LEU A 228 12.47 -9.57 12.63
C LEU A 228 11.00 -9.48 13.06
N VAL A 229 10.29 -10.60 12.99
CA VAL A 229 8.90 -10.67 13.43
C VAL A 229 8.89 -11.39 14.76
N ILE A 230 8.40 -10.71 15.81
CA ILE A 230 8.32 -11.30 17.14
C ILE A 230 6.94 -11.95 17.26
N GLY A 231 6.93 -13.27 17.29
CA GLY A 231 5.70 -14.04 17.36
C GLY A 231 5.34 -14.70 16.04
N TYR A 232 4.71 -15.87 16.14
CA TYR A 232 4.35 -16.66 14.97
C TYR A 232 3.05 -17.42 15.23
N GLY A 233 2.13 -16.77 15.94
CA GLY A 233 0.73 -17.17 15.99
C GLY A 233 0.07 -16.75 14.71
N ASP A 234 -1.25 -16.57 14.76
CA ASP A 234 -1.95 -16.23 13.52
C ASP A 234 -1.47 -14.88 12.98
N VAL A 235 -1.38 -13.87 13.83
CA VAL A 235 -0.93 -12.55 13.37
C VAL A 235 0.53 -12.61 12.91
N GLY A 236 1.39 -13.30 13.66
CA GLY A 236 2.78 -13.41 13.24
C GLY A 236 2.95 -14.17 11.94
N LYS A 237 2.13 -15.21 11.73
CA LYS A 237 2.19 -15.94 10.47
C LYS A 237 1.81 -15.02 9.31
N GLY A 238 0.70 -14.28 9.45
CA GLY A 238 0.28 -13.41 8.37
C GLY A 238 1.26 -12.26 8.15
N SER A 239 1.80 -11.72 9.24
CA SER A 239 2.77 -10.62 9.17
C SER A 239 4.05 -11.06 8.48
N SER A 240 4.54 -12.25 8.85
CA SER A 240 5.77 -12.73 8.23
C SER A 240 5.56 -12.90 6.73
N GLN A 241 4.39 -13.41 6.33
CA GLN A 241 4.13 -13.58 4.90
C GLN A 241 4.02 -12.23 4.20
N SER A 242 3.39 -11.26 4.87
CA SER A 242 3.26 -9.92 4.28
C SER A 242 4.62 -9.37 3.91
N LEU A 243 5.62 -9.63 4.75
CA LEU A 243 6.97 -9.13 4.49
C LEU A 243 7.75 -10.03 3.54
N ARG A 244 7.64 -11.35 3.71
N ARG A 244 7.66 -11.35 3.70
CA ARG A 244 8.40 -12.27 2.85
CA ARG A 244 8.45 -12.19 2.81
C ARG A 244 7.97 -12.13 1.39
C ARG A 244 7.99 -12.08 1.37
N GLN A 245 6.67 -11.91 1.14
CA GLN A 245 6.21 -11.84 -0.23
C GLN A 245 6.70 -10.58 -0.92
N GLU A 246 7.08 -9.55 -0.14
CA GLU A 246 7.71 -8.35 -0.66
C GLU A 246 9.21 -8.51 -0.87
N GLY A 247 9.78 -9.67 -0.54
CA GLY A 247 11.19 -9.90 -0.68
C GLY A 247 12.03 -9.58 0.54
N MET A 248 11.42 -9.33 1.70
CA MET A 248 12.23 -9.18 2.89
C MET A 248 12.87 -10.51 3.26
N ILE A 249 14.03 -10.42 3.90
CA ILE A 249 14.67 -11.55 4.56
C ILE A 249 14.12 -11.56 5.98
N VAL A 250 13.17 -12.47 6.28
CA VAL A 250 12.42 -12.45 7.53
C VAL A 250 12.99 -13.48 8.51
N LYS A 251 13.31 -13.02 9.72
CA LYS A 251 13.63 -13.88 10.85
C LYS A 251 12.48 -13.82 11.83
N VAL A 252 12.24 -14.92 12.56
CA VAL A 252 11.07 -15.05 13.43
C VAL A 252 11.53 -15.41 14.83
N ALA A 253 10.96 -14.75 15.84
CA ALA A 253 11.15 -15.13 17.23
C ALA A 253 9.87 -15.74 17.81
N GLU A 254 10.05 -16.72 18.70
CA GLU A 254 8.88 -17.35 19.30
C GLU A 254 9.27 -17.94 20.66
N VAL A 255 8.29 -18.02 21.55
CA VAL A 255 8.42 -18.78 22.80
C VAL A 255 7.76 -20.16 22.70
N ASP A 256 6.91 -20.36 21.70
CA ASP A 256 6.18 -21.61 21.56
C ASP A 256 6.93 -22.45 20.55
N PRO A 257 7.49 -23.59 20.94
CA PRO A 257 8.27 -24.39 19.98
C PRO A 257 7.46 -24.95 18.83
N ILE A 258 6.16 -25.17 19.01
CA ILE A 258 5.34 -25.64 17.89
C ILE A 258 5.22 -24.55 16.84
N CYS A 259 4.91 -23.31 17.29
CA CYS A 259 4.89 -22.19 16.36
C CYS A 259 6.26 -21.95 15.74
N ALA A 260 7.33 -22.11 16.51
CA ALA A 260 8.67 -21.97 15.93
C ALA A 260 8.95 -23.03 14.87
N MET A 261 8.50 -24.27 15.12
N MET A 261 8.51 -24.28 15.12
CA MET A 261 8.65 -25.33 14.13
CA MET A 261 8.65 -25.33 14.12
C MET A 261 7.95 -24.98 12.83
C MET A 261 7.95 -24.96 12.83
N GLN A 262 6.74 -24.41 12.91
CA GLN A 262 6.04 -23.98 11.71
C GLN A 262 6.83 -22.93 10.96
N ALA A 263 7.43 -21.98 11.70
CA ALA A 263 8.23 -20.95 11.05
C ALA A 263 9.42 -21.54 10.29
N CYS A 264 10.13 -22.50 10.91
CA CYS A 264 11.23 -23.18 10.21
C CYS A 264 10.70 -23.84 8.94
N MET A 265 9.62 -24.61 9.06
CA MET A 265 9.12 -25.34 7.91
C MET A 265 8.58 -24.40 6.85
N ASP A 266 8.13 -23.21 7.26
CA ASP A 266 7.67 -22.21 6.32
C ASP A 266 8.81 -21.46 5.65
N GLY A 267 10.06 -21.77 6.01
CA GLY A 267 11.20 -21.19 5.35
C GLY A 267 11.79 -19.97 6.01
N PHE A 268 11.56 -19.80 7.30
CA PHE A 268 12.12 -18.70 8.07
C PHE A 268 13.18 -19.22 9.04
N GLU A 269 14.18 -18.38 9.26
CA GLU A 269 15.18 -18.61 10.28
C GLU A 269 14.62 -18.15 11.62
N VAL A 270 14.71 -19.01 12.63
CA VAL A 270 14.13 -18.74 13.94
C VAL A 270 15.23 -18.30 14.89
N VAL A 271 15.11 -17.07 15.40
CA VAL A 271 16.14 -16.45 16.21
C VAL A 271 15.53 -15.87 17.47
N SER A 272 16.39 -15.59 18.46
CA SER A 272 15.94 -14.88 19.64
C SER A 272 16.71 -13.56 19.77
N PRO A 273 16.05 -12.48 20.23
CA PRO A 273 16.80 -11.26 20.56
C PRO A 273 17.84 -11.47 21.64
N TYR A 274 17.73 -12.54 22.44
CA TYR A 274 18.58 -12.77 23.59
C TYR A 274 19.50 -13.96 23.32
N LYS A 275 20.73 -13.87 23.82
CA LYS A 275 21.66 -14.99 23.67
C LYS A 275 21.10 -16.24 24.31
N ASN A 276 21.02 -17.31 23.52
CA ASN A 276 20.46 -18.59 23.96
C ASN A 276 19.01 -18.47 24.41
N GLY A 277 18.32 -17.41 23.98
CA GLY A 277 16.94 -17.19 24.33
C GLY A 277 16.69 -16.72 25.74
N ILE A 278 17.71 -16.38 26.52
CA ILE A 278 17.55 -16.09 27.95
C ILE A 278 17.49 -14.58 28.15
N ASN A 279 16.30 -14.10 28.56
CA ASN A 279 16.00 -12.68 28.75
C ASN A 279 16.15 -12.39 30.24
N ASP A 280 17.39 -12.18 30.66
CA ASP A 280 17.68 -11.94 32.07
C ASP A 280 17.66 -10.46 32.46
N GLY A 281 17.36 -9.55 31.54
CA GLY A 281 17.24 -8.15 31.86
C GLY A 281 18.50 -7.33 31.72
N THR A 282 19.63 -7.94 31.35
CA THR A 282 20.90 -7.24 31.23
C THR A 282 21.15 -6.89 29.78
N GLU A 283 21.89 -5.80 29.56
CA GLU A 283 22.31 -5.49 28.20
C GLU A 283 23.14 -6.62 27.62
N ALA A 284 23.89 -7.32 28.46
CA ALA A 284 24.77 -8.40 27.99
C ALA A 284 23.99 -9.50 27.30
N SER A 285 22.72 -9.71 27.69
CA SER A 285 21.94 -10.79 27.10
C SER A 285 21.49 -10.48 25.68
N ILE A 286 21.55 -9.23 25.24
CA ILE A 286 21.06 -8.90 23.91
C ILE A 286 22.04 -9.42 22.86
N ASP A 287 21.52 -10.06 21.82
CA ASP A 287 22.32 -10.43 20.66
C ASP A 287 22.47 -9.17 19.81
N ALA A 288 23.51 -8.41 20.14
CA ALA A 288 23.74 -7.12 19.48
C ALA A 288 24.08 -7.29 18.00
N ALA A 289 24.80 -8.34 17.64
CA ALA A 289 25.09 -8.58 16.22
C ALA A 289 23.81 -8.80 15.42
N LEU A 290 22.88 -9.59 15.96
CA LEU A 290 21.62 -9.83 15.27
C LEU A 290 20.83 -8.53 15.15
N LEU A 291 20.62 -7.84 16.27
CA LEU A 291 19.77 -6.66 16.26
C LEU A 291 20.38 -5.54 15.41
N GLY A 292 21.70 -5.46 15.35
CA GLY A 292 22.39 -4.47 14.54
C GLY A 292 22.24 -4.66 13.03
N LYS A 293 21.63 -5.76 12.59
CA LYS A 293 21.40 -5.98 11.16
C LYS A 293 19.94 -5.89 10.77
N ILE A 294 19.05 -5.61 11.73
CA ILE A 294 17.61 -5.64 11.49
C ILE A 294 17.12 -4.26 11.04
N ASP A 295 16.43 -4.22 9.89
CA ASP A 295 15.86 -2.99 9.33
C ASP A 295 14.42 -2.76 9.75
N LEU A 296 13.72 -3.79 10.25
CA LEU A 296 12.32 -3.68 10.56
C LEU A 296 12.02 -4.71 11.64
N ILE A 297 11.38 -4.29 12.73
CA ILE A 297 10.90 -5.19 13.76
C ILE A 297 9.39 -4.99 13.89
N VAL A 298 8.66 -6.10 13.96
CA VAL A 298 7.20 -6.11 14.07
C VAL A 298 6.83 -7.04 15.22
N THR A 299 6.10 -6.52 16.20
CA THR A 299 5.61 -7.31 17.34
C THR A 299 4.20 -7.80 17.05
N THR A 300 3.94 -9.10 17.36
CA THR A 300 2.69 -9.75 17.00
C THR A 300 2.12 -10.61 18.13
N THR A 301 2.52 -10.38 19.37
CA THR A 301 2.39 -11.42 20.40
C THR A 301 1.16 -11.31 21.29
N GLY A 302 0.62 -10.11 21.53
CA GLY A 302 -0.35 -9.99 22.60
C GLY A 302 0.26 -10.05 23.98
N ASN A 303 1.58 -10.02 24.07
CA ASN A 303 2.32 -10.09 25.32
C ASN A 303 2.93 -8.71 25.61
N VAL A 304 3.68 -8.62 26.72
CA VAL A 304 4.21 -7.35 27.21
C VAL A 304 5.72 -7.29 27.01
N ASN A 305 6.20 -6.15 26.51
CA ASN A 305 7.63 -5.86 26.47
C ASN A 305 8.42 -6.91 25.71
N VAL A 306 7.94 -7.25 24.51
CA VAL A 306 8.65 -8.18 23.64
C VAL A 306 9.64 -7.47 22.72
N CYS A 307 9.57 -6.15 22.63
CA CYS A 307 10.62 -5.35 21.99
C CYS A 307 11.02 -4.36 23.08
N ASP A 308 12.02 -4.72 23.88
CA ASP A 308 12.29 -4.03 25.12
C ASP A 308 13.32 -2.93 24.92
N ALA A 309 13.66 -2.24 26.02
CA ALA A 309 14.55 -1.08 25.92
C ALA A 309 15.93 -1.48 25.43
N ASN A 310 16.46 -2.60 25.92
CA ASN A 310 17.78 -3.00 25.45
C ASN A 310 17.75 -3.40 23.97
N MET A 311 16.67 -4.01 23.50
CA MET A 311 16.55 -4.30 22.08
C MET A 311 16.53 -3.00 21.27
N LEU A 312 15.78 -2.00 21.75
CA LEU A 312 15.67 -0.75 21.01
C LEU A 312 17.01 -0.05 20.93
N LYS A 313 17.81 -0.15 21.99
CA LYS A 313 19.16 0.44 22.00
C LYS A 313 20.07 -0.23 20.99
N ALA A 314 19.88 -1.55 20.76
CA ALA A 314 20.76 -2.34 19.91
C ALA A 314 20.36 -2.37 18.45
N LEU A 315 19.16 -1.92 18.12
CA LEU A 315 18.70 -2.00 16.74
C LEU A 315 19.58 -1.17 15.82
N LYS A 316 19.71 -1.66 14.58
CA LYS A 316 20.37 -0.92 13.51
C LYS A 316 19.83 0.50 13.40
N LYS A 317 20.72 1.45 13.15
CA LYS A 317 20.28 2.81 12.87
CA LYS A 317 20.27 2.81 12.89
C LYS A 317 19.24 2.81 11.76
N ARG A 318 18.20 3.64 11.95
CA ARG A 318 17.14 3.88 10.97
C ARG A 318 16.20 2.69 10.78
N ALA A 319 16.27 1.68 11.65
CA ALA A 319 15.28 0.62 11.62
C ALA A 319 13.87 1.16 11.91
N VAL A 320 12.89 0.52 11.30
CA VAL A 320 11.47 0.74 11.55
C VAL A 320 11.00 -0.19 12.66
N VAL A 321 10.23 0.36 13.59
CA VAL A 321 9.69 -0.37 14.73
C VAL A 321 8.17 -0.23 14.70
N CYS A 322 7.45 -1.36 14.77
CA CYS A 322 5.99 -1.26 14.78
C CYS A 322 5.40 -2.49 15.48
N ASN A 323 4.14 -2.35 15.82
CA ASN A 323 3.39 -3.33 16.58
C ASN A 323 2.06 -3.54 15.90
N ILE A 324 1.72 -4.80 15.67
CA ILE A 324 0.43 -5.16 15.11
C ILE A 324 -0.39 -6.00 16.09
N GLY A 325 0.11 -6.23 17.31
CA GLY A 325 -0.72 -6.78 18.37
C GLY A 325 -1.66 -5.73 18.91
N HIS A 326 -2.58 -6.14 19.78
CA HIS A 326 -3.70 -5.26 20.15
C HIS A 326 -3.25 -4.02 20.93
N PHE A 327 -2.29 -4.18 21.84
CA PHE A 327 -1.93 -3.09 22.75
C PHE A 327 -0.49 -2.65 22.51
N ASP A 328 -0.24 -1.35 22.74
CA ASP A 328 1.07 -0.78 22.44
C ASP A 328 2.18 -1.26 23.37
N ASN A 329 1.85 -1.86 24.52
CA ASN A 329 2.90 -2.22 25.47
C ASN A 329 3.75 -3.39 24.99
N GLU A 330 3.55 -3.90 23.77
CA GLU A 330 4.47 -4.88 23.21
C GLU A 330 5.85 -4.27 23.02
N ILE A 331 5.90 -2.97 22.73
CA ILE A 331 7.15 -2.22 22.57
C ILE A 331 7.28 -1.31 23.79
N ASP A 332 8.49 -1.20 24.33
CA ASP A 332 8.76 -0.27 25.44
C ASP A 332 8.83 1.17 24.89
N THR A 333 7.66 1.68 24.49
CA THR A 333 7.63 3.07 24.06
C THR A 333 7.78 4.03 25.23
N ALA A 334 7.41 3.60 26.45
CA ALA A 334 7.62 4.46 27.60
C ALA A 334 9.10 4.79 27.78
N PHE A 335 9.96 3.78 27.60
CA PHE A 335 11.40 4.04 27.64
C PHE A 335 11.80 5.08 26.60
N MET A 336 11.23 4.99 25.41
CA MET A 336 11.60 5.93 24.35
C MET A 336 11.08 7.32 24.65
N ARG A 337 9.91 7.42 25.27
CA ARG A 337 9.38 8.74 25.63
C ARG A 337 10.24 9.40 26.69
N LYS A 338 10.79 8.61 27.61
CA LYS A 338 11.58 9.16 28.70
C LYS A 338 12.96 9.60 28.25
N ASN A 339 13.57 8.89 27.31
CA ASN A 339 15.00 9.06 27.04
C ASN A 339 15.36 9.70 25.72
N TRP A 340 14.48 9.64 24.70
CA TRP A 340 14.86 10.00 23.35
C TRP A 340 13.92 11.05 22.79
N ALA A 341 14.43 11.88 21.89
CA ALA A 341 13.63 12.97 21.33
C ALA A 341 12.80 12.47 20.16
N TRP A 342 11.52 12.84 20.13
CA TRP A 342 10.61 12.42 19.07
C TRP A 342 10.43 13.54 18.05
N GLU A 343 10.72 13.25 16.78
CA GLU A 343 10.50 14.19 15.68
C GLU A 343 9.35 13.63 14.86
N GLU A 344 8.22 14.33 14.82
CA GLU A 344 7.12 13.83 14.01
C GLU A 344 7.41 14.08 12.53
N VAL A 345 7.36 13.02 11.72
CA VAL A 345 7.48 13.17 10.28
C VAL A 345 6.14 13.60 9.69
N LYS A 346 5.10 12.88 10.06
CA LYS A 346 3.71 13.15 9.71
C LYS A 346 2.88 12.33 10.67
N PRO A 347 1.55 12.48 10.68
CA PRO A 347 0.78 11.75 11.69
C PRO A 347 1.09 10.25 11.65
N GLN A 348 1.25 9.67 12.83
CA GLN A 348 1.56 8.25 13.03
C GLN A 348 2.93 7.84 12.49
N VAL A 349 3.84 8.78 12.28
CA VAL A 349 5.21 8.44 11.90
C VAL A 349 6.14 9.35 12.67
N HIS A 350 6.99 8.77 13.53
CA HIS A 350 7.90 9.55 14.35
C HIS A 350 9.31 8.99 14.22
N LYS A 351 10.29 9.89 14.06
CA LYS A 351 11.69 9.51 14.21
C LYS A 351 12.05 9.68 15.66
N ILE A 352 12.62 8.63 16.25
CA ILE A 352 13.00 8.60 17.66
C ILE A 352 14.51 8.72 17.67
N HIS A 353 15.00 9.87 18.11
CA HIS A 353 16.43 10.19 18.04
C HIS A 353 17.14 9.64 19.27
N ARG A 354 18.05 8.69 19.05
CA ARG A 354 18.72 8.03 20.17
C ARG A 354 19.89 8.84 20.72
N THR A 355 20.06 10.06 20.23
CA THR A 355 21.10 10.96 20.72
C THR A 355 20.80 11.53 22.10
N GLY A 356 19.54 11.48 22.54
CA GLY A 356 19.15 12.05 23.82
C GLY A 356 17.80 12.71 23.73
N LYS A 357 17.34 13.35 24.81
CA LYS A 357 15.98 13.89 24.85
C LYS A 357 15.92 15.40 24.65
N ASP A 358 17.06 16.10 24.62
CA ASP A 358 17.06 17.57 24.67
C ASP A 358 17.07 18.12 23.24
N GLY A 359 15.91 18.10 22.59
CA GLY A 359 15.82 18.48 21.19
C GLY A 359 16.46 17.43 20.30
N PHE A 360 16.46 17.73 19.01
CA PHE A 360 17.05 16.78 18.06
C PHE A 360 17.69 17.55 16.91
N ASP A 361 18.60 16.84 16.23
CA ASP A 361 19.24 17.32 15.02
C ASP A 361 18.48 16.72 13.84
N ALA A 362 17.86 17.59 13.02
CA ALA A 362 17.08 17.12 11.88
C ALA A 362 17.88 16.24 10.94
N HIS A 363 19.21 16.29 11.00
CA HIS A 363 20.09 15.50 10.14
C HIS A 363 20.80 14.38 10.88
N ASN A 364 20.45 14.14 12.14
CA ASN A 364 21.04 13.04 12.88
C ASN A 364 20.72 11.71 12.19
N ASP A 365 21.72 10.84 12.09
CA ASP A 365 21.51 9.55 11.44
C ASP A 365 21.13 8.44 12.42
N ASP A 366 21.17 8.70 13.71
CA ASP A 366 20.94 7.66 14.71
C ASP A 366 19.53 7.81 15.27
N TYR A 367 18.55 7.33 14.51
CA TYR A 367 17.16 7.34 14.92
C TYR A 367 16.49 6.03 14.55
N LEU A 368 15.34 5.78 15.15
CA LEU A 368 14.45 4.72 14.71
C LEU A 368 13.18 5.38 14.20
N ILE A 369 12.46 4.70 13.30
CA ILE A 369 11.15 5.18 12.87
C ILE A 369 10.09 4.33 13.55
N LEU A 370 9.29 4.96 14.39
CA LEU A 370 8.20 4.29 15.08
C LEU A 370 6.91 4.62 14.37
N LEU A 371 6.13 3.60 14.06
CA LEU A 371 4.85 3.77 13.38
C LEU A 371 3.72 3.71 14.40
N ALA A 372 2.76 4.62 14.23
CA ALA A 372 1.53 4.65 15.00
C ALA A 372 1.76 4.74 16.51
N GLU A 373 2.90 5.32 16.91
CA GLU A 373 3.27 5.44 18.32
C GLU A 373 3.23 4.08 19.02
N GLY A 374 3.48 3.00 18.28
CA GLY A 374 3.42 1.67 18.84
C GLY A 374 2.06 1.01 18.91
N ARG A 375 1.00 1.68 18.45
CA ARG A 375 -0.33 1.09 18.42
CA ARG A 375 -0.33 1.11 18.40
C ARG A 375 -0.51 0.33 17.12
N LEU A 376 -1.59 -0.47 17.07
CA LEU A 376 -1.82 -1.37 15.93
C LEU A 376 -1.51 -0.71 14.60
N VAL A 377 -0.47 -1.19 13.92
CA VAL A 377 0.09 -0.43 12.80
C VAL A 377 -0.78 -0.52 11.56
N ASN A 378 -1.42 -1.67 11.33
CA ASN A 378 -2.23 -1.81 10.11
C ASN A 378 -3.40 -0.82 10.11
N LEU A 379 -4.02 -0.62 11.28
CA LEU A 379 -5.13 0.33 11.37
C LEU A 379 -4.64 1.75 11.58
N GLY A 380 -3.46 1.93 12.18
CA GLY A 380 -2.92 3.24 12.48
C GLY A 380 -2.33 3.94 11.29
N ASN A 381 -1.60 3.19 10.45
CA ASN A 381 -0.93 3.77 9.29
C ASN A 381 -1.58 3.40 7.96
N ALA A 382 -2.57 2.51 7.97
CA ALA A 382 -3.33 2.25 6.76
C ALA A 382 -4.80 2.13 7.12
N THR A 383 -5.51 1.12 6.60
CA THR A 383 -6.94 1.03 6.84
C THR A 383 -7.32 -0.32 7.45
N GLY A 384 -6.37 -1.02 8.07
CA GLY A 384 -6.64 -2.34 8.61
C GLY A 384 -6.97 -3.34 7.50
N HIS A 385 -7.69 -4.39 7.90
CA HIS A 385 -7.97 -5.47 6.99
C HIS A 385 -8.96 -5.02 5.91
N PRO A 386 -8.92 -5.65 4.74
CA PRO A 386 -9.86 -5.30 3.67
C PRO A 386 -11.25 -5.84 3.93
N SER A 387 -12.23 -5.18 3.32
CA SER A 387 -13.62 -5.56 3.48
C SER A 387 -13.86 -7.05 3.28
N ARG A 388 -13.27 -7.66 2.22
CA ARG A 388 -13.60 -9.05 1.91
C ARG A 388 -13.12 -10.01 2.99
N ILE A 389 -12.09 -9.63 3.75
CA ILE A 389 -11.65 -10.39 4.90
C ILE A 389 -12.53 -10.12 6.12
N MET A 390 -12.80 -8.84 6.41
CA MET A 390 -13.63 -8.50 7.57
C MET A 390 -15.04 -9.06 7.44
N ASP A 391 -15.50 -9.36 6.22
CA ASP A 391 -16.78 -10.01 6.01
C ASP A 391 -16.93 -11.24 6.91
N GLY A 392 -15.88 -12.06 6.98
CA GLY A 392 -15.97 -13.26 7.81
C GLY A 392 -16.14 -12.94 9.28
N SER A 393 -15.25 -12.09 9.82
CA SER A 393 -15.32 -11.73 11.23
C SER A 393 -16.68 -11.14 11.58
N PHE A 394 -17.18 -10.25 10.74
CA PHE A 394 -18.36 -9.50 11.10
C PHE A 394 -19.65 -10.28 10.84
N ALA A 395 -19.67 -11.21 9.88
CA ALA A 395 -20.79 -12.14 9.80
C ALA A 395 -20.89 -12.97 11.07
N ASN A 396 -19.74 -13.43 11.60
CA ASN A 396 -19.73 -14.11 12.89
C ASN A 396 -20.30 -13.23 14.00
N GLN A 397 -19.89 -11.95 14.04
CA GLN A 397 -20.40 -11.04 15.08
C GLN A 397 -21.91 -10.95 15.03
N VAL A 398 -22.49 -10.86 13.83
CA VAL A 398 -23.93 -10.70 13.70
C VAL A 398 -24.65 -11.95 14.18
N LEU A 399 -24.17 -13.13 13.75
CA LEU A 399 -24.74 -14.37 14.25
C LEU A 399 -24.66 -14.46 15.76
N ALA A 400 -23.54 -14.02 16.33
CA ALA A 400 -23.34 -14.15 17.78
C ALA A 400 -24.24 -13.17 18.54
N GLN A 401 -24.41 -11.96 18.02
CA GLN A 401 -25.35 -11.02 18.60
C GLN A 401 -26.77 -11.56 18.55
N ILE A 402 -27.17 -12.14 17.41
CA ILE A 402 -28.51 -12.72 17.33
C ILE A 402 -28.69 -13.80 18.39
N HIS A 403 -27.69 -14.69 18.51
CA HIS A 403 -27.84 -15.81 19.43
C HIS A 403 -27.96 -15.34 20.87
N LEU A 404 -27.05 -14.48 21.31
CA LEU A 404 -27.09 -14.05 22.71
C LEU A 404 -28.29 -13.17 22.99
N PHE A 405 -28.70 -12.32 22.05
CA PHE A 405 -29.88 -11.50 22.29
C PHE A 405 -31.13 -12.36 22.36
N GLU A 406 -31.22 -13.41 21.54
CA GLU A 406 -32.39 -14.28 21.59
C GLU A 406 -32.39 -15.15 22.85
N GLN A 407 -31.20 -15.44 23.40
CA GLN A 407 -31.11 -16.26 24.62
C GLN A 407 -31.67 -15.52 25.83
N LYS A 408 -31.54 -14.19 25.89
CA LYS A 408 -32.17 -13.38 26.93
C LYS A 408 -31.67 -13.70 28.35
N TYR A 409 -30.35 -13.84 28.49
CA TYR A 409 -29.76 -14.23 29.77
C TYR A 409 -30.22 -13.33 30.92
N ALA A 410 -30.31 -12.03 30.68
CA ALA A 410 -30.66 -11.09 31.74
C ALA A 410 -32.07 -11.31 32.26
N ASP A 411 -32.94 -11.94 31.46
CA ASP A 411 -34.34 -12.17 31.85
C ASP A 411 -34.56 -13.50 32.53
N LEU A 412 -33.54 -14.30 32.71
CA LEU A 412 -33.74 -15.64 33.23
C LEU A 412 -33.70 -15.64 34.74
N PRO A 413 -34.33 -16.63 35.37
CA PRO A 413 -34.15 -16.83 36.81
C PRO A 413 -32.69 -17.11 37.12
N ALA A 414 -32.30 -16.85 38.37
CA ALA A 414 -30.91 -17.01 38.77
C ALA A 414 -30.41 -18.43 38.55
N ALA A 415 -31.27 -19.43 38.69
CA ALA A 415 -30.85 -20.80 38.46
C ALA A 415 -30.47 -21.04 37.00
N GLU A 416 -31.27 -20.49 36.07
CA GLU A 416 -30.93 -20.61 34.66
C GLU A 416 -29.67 -19.83 34.31
N LYS A 417 -29.42 -18.71 35.01
CA LYS A 417 -28.24 -17.91 34.72
C LYS A 417 -26.96 -18.67 35.03
N ALA A 418 -26.96 -19.44 36.12
CA ALA A 418 -25.74 -20.14 36.53
C ALA A 418 -25.32 -21.16 35.49
N LYS A 419 -26.27 -21.89 34.91
CA LYS A 419 -25.94 -22.88 33.89
C LYS A 419 -25.61 -22.25 32.55
N ARG A 420 -25.70 -20.93 32.41
CA ARG A 420 -25.43 -20.27 31.15
C ARG A 420 -24.30 -19.25 31.21
N LEU A 421 -23.67 -19.07 32.36
CA LEU A 421 -22.56 -18.12 32.48
C LEU A 421 -21.30 -18.76 31.91
N SER A 422 -21.08 -18.58 30.61
CA SER A 422 -19.97 -19.26 29.96
C SER A 422 -19.41 -18.37 28.86
N VAL A 423 -18.27 -18.78 28.33
CA VAL A 423 -17.72 -18.22 27.09
C VAL A 423 -17.78 -19.31 26.05
N GLU A 424 -18.56 -19.07 24.99
CA GLU A 424 -18.84 -20.10 24.00
C GLU A 424 -18.35 -19.66 22.63
N VAL A 425 -18.25 -20.63 21.72
CA VAL A 425 -17.95 -20.36 20.31
C VAL A 425 -19.17 -20.69 19.47
N LEU A 426 -19.18 -20.14 18.25
CA LEU A 426 -20.22 -20.46 17.30
C LEU A 426 -20.05 -21.92 16.84
N PRO A 427 -21.15 -22.61 16.55
CA PRO A 427 -21.04 -23.99 16.09
C PRO A 427 -20.44 -24.08 14.69
N LYS A 428 -19.82 -25.22 14.41
CA LYS A 428 -19.11 -25.39 13.15
C LYS A 428 -20.03 -25.24 11.94
N LYS A 429 -21.28 -25.67 12.04
CA LYS A 429 -22.17 -25.54 10.88
C LYS A 429 -22.29 -24.07 10.46
N LEU A 430 -22.41 -23.15 11.42
CA LEU A 430 -22.49 -21.74 11.06
C LEU A 430 -21.16 -21.24 10.51
N ASP A 431 -20.04 -21.69 11.08
CA ASP A 431 -18.73 -21.34 10.57
C ASP A 431 -18.61 -21.74 9.10
N GLU A 432 -19.09 -22.95 8.76
CA GLU A 432 -19.10 -23.41 7.38
C GLU A 432 -20.02 -22.56 6.50
N GLU A 433 -21.19 -22.17 7.01
CA GLU A 433 -22.11 -21.39 6.19
C GLU A 433 -21.54 -20.01 5.87
N VAL A 434 -20.85 -19.39 6.83
CA VAL A 434 -20.14 -18.15 6.54
C VAL A 434 -19.07 -18.37 5.46
N ALA A 435 -18.27 -19.42 5.63
CA ALA A 435 -17.22 -19.69 4.66
C ALA A 435 -17.78 -19.89 3.26
N LEU A 436 -18.91 -20.59 3.14
CA LEU A 436 -19.49 -20.82 1.83
C LEU A 436 -19.83 -19.50 1.13
N GLU A 437 -20.41 -18.56 1.86
CA GLU A 437 -20.71 -17.27 1.26
C GLU A 437 -19.42 -16.55 0.87
N MET A 438 -18.35 -16.68 1.67
CA MET A 438 -17.08 -16.08 1.29
C MET A 438 -16.56 -16.69 -0.01
N VAL A 439 -16.60 -18.03 -0.13
CA VAL A 439 -16.09 -18.69 -1.33
C VAL A 439 -16.85 -18.23 -2.55
N LYS A 440 -18.18 -18.17 -2.43
CA LYS A 440 -18.99 -17.70 -3.56
C LYS A 440 -18.59 -16.28 -3.97
N GLY A 441 -18.19 -15.44 -3.01
CA GLY A 441 -17.76 -14.08 -3.35
C GLY A 441 -16.53 -14.06 -4.23
N PHE A 442 -15.69 -15.09 -4.15
CA PHE A 442 -14.57 -15.22 -5.07
C PHE A 442 -14.96 -15.89 -6.38
N GLY A 443 -16.21 -16.30 -6.52
CA GLY A 443 -16.62 -17.13 -7.64
C GLY A 443 -16.21 -18.58 -7.51
N GLY A 444 -15.78 -19.00 -6.31
CA GLY A 444 -15.41 -20.39 -6.11
C GLY A 444 -16.64 -21.28 -6.12
N VAL A 445 -16.44 -22.53 -6.54
CA VAL A 445 -17.52 -23.51 -6.63
C VAL A 445 -17.17 -24.68 -5.72
N VAL A 446 -17.94 -24.86 -4.65
CA VAL A 446 -17.74 -25.98 -3.73
C VAL A 446 -18.44 -27.20 -4.30
N THR A 447 -17.77 -28.35 -4.20
CA THR A 447 -18.35 -29.61 -4.69
C THR A 447 -19.28 -30.18 -3.62
N GLN A 448 -20.34 -30.84 -4.07
CA GLN A 448 -21.28 -31.51 -3.18
C GLN A 448 -20.95 -32.98 -3.13
N LEU A 449 -20.82 -33.54 -1.92
CA LEU A 449 -20.58 -34.97 -1.78
C LEU A 449 -21.74 -35.77 -2.33
N THR A 450 -21.45 -36.94 -2.93
CA THR A 450 -22.53 -37.87 -3.20
C THR A 450 -22.91 -38.57 -1.90
N PRO A 451 -24.13 -39.15 -1.83
CA PRO A 451 -24.48 -39.94 -0.64
C PRO A 451 -23.45 -41.00 -0.28
N LYS A 452 -22.92 -41.71 -1.29
CA LYS A 452 -21.92 -42.73 -1.02
C LYS A 452 -20.65 -42.13 -0.44
N GLN A 453 -20.21 -40.98 -0.96
CA GLN A 453 -19.02 -40.34 -0.42
C GLN A 453 -19.24 -39.85 0.99
N ALA A 454 -20.41 -39.24 1.25
CA ALA A 454 -20.70 -38.77 2.60
C ALA A 454 -20.69 -39.93 3.58
N GLU A 455 -21.29 -41.06 3.18
CA GLU A 455 -21.26 -42.24 4.03
C GLU A 455 -19.83 -42.75 4.21
N TYR A 456 -19.01 -42.67 3.16
CA TYR A 456 -17.66 -43.21 3.22
C TYR A 456 -16.79 -42.50 4.25
N ILE A 457 -16.90 -41.16 4.33
CA ILE A 457 -16.12 -40.40 5.31
C ILE A 457 -16.89 -40.11 6.59
N GLY A 458 -18.16 -40.49 6.67
CA GLY A 458 -18.92 -40.36 7.90
C GLY A 458 -19.45 -38.98 8.20
N VAL A 459 -19.91 -38.25 7.18
CA VAL A 459 -20.47 -36.93 7.37
C VAL A 459 -21.81 -36.84 6.66
N SER A 460 -22.58 -35.83 7.03
CA SER A 460 -23.77 -35.50 6.26
C SER A 460 -23.37 -34.73 5.01
N VAL A 461 -24.15 -34.91 3.94
CA VAL A 461 -23.90 -34.14 2.72
C VAL A 461 -23.91 -32.64 3.00
N GLU A 462 -24.69 -32.21 3.98
CA GLU A 462 -24.78 -30.78 4.30
CA GLU A 462 -24.79 -30.79 4.32
C GLU A 462 -23.75 -30.34 5.32
N GLY A 463 -22.88 -31.22 5.80
CA GLY A 463 -21.94 -30.86 6.83
C GLY A 463 -22.59 -30.95 8.20
N PRO A 464 -21.80 -30.72 9.27
CA PRO A 464 -20.40 -30.28 9.21
C PRO A 464 -19.45 -31.35 8.71
N PHE A 465 -18.35 -30.90 8.12
CA PHE A 465 -17.46 -31.80 7.40
C PHE A 465 -16.26 -32.24 8.21
N LYS A 466 -16.02 -31.65 9.38
CA LYS A 466 -14.87 -31.95 10.20
C LYS A 466 -15.31 -32.10 11.64
N PRO A 467 -14.60 -32.89 12.43
CA PRO A 467 -14.86 -32.90 13.87
C PRO A 467 -14.41 -31.59 14.50
N ASP A 468 -14.93 -31.33 15.71
CA ASP A 468 -14.59 -30.07 16.37
C ASP A 468 -13.10 -29.98 16.68
N THR A 469 -12.40 -31.12 16.77
CA THR A 469 -10.96 -31.12 17.01
C THR A 469 -10.14 -30.72 15.80
N TYR A 470 -10.75 -30.59 14.61
CA TYR A 470 -9.95 -30.36 13.42
C TYR A 470 -9.33 -28.96 13.43
N ARG A 471 -8.07 -28.86 13.01
CA ARG A 471 -7.32 -27.61 13.14
C ARG A 471 -7.22 -26.78 11.86
N TYR A 472 -7.60 -27.35 10.71
CA TYR A 472 -7.47 -26.66 9.41
C TYR A 472 -6.04 -26.17 9.16
N ALA B 11 12.39 34.60 1.99
CA ALA B 11 13.51 35.32 1.40
C ALA B 11 13.07 36.09 0.16
N GLY B 12 11.76 36.18 -0.05
CA GLY B 12 11.23 36.91 -1.18
C GLY B 12 11.20 36.13 -2.47
N PHE B 13 11.28 34.80 -2.40
CA PHE B 13 11.23 33.97 -3.59
C PHE B 13 9.78 33.71 -3.97
N THR B 14 9.44 33.97 -5.24
CA THR B 14 8.09 33.75 -5.73
C THR B 14 8.03 33.00 -7.06
N ASP B 15 9.16 32.54 -7.59
CA ASP B 15 9.25 32.00 -8.93
C ASP B 15 8.94 30.48 -8.90
N TYR B 16 7.68 30.15 -8.62
CA TYR B 16 7.23 28.78 -8.44
C TYR B 16 5.71 28.77 -8.39
N LYS B 17 5.12 27.59 -8.54
CA LYS B 17 3.70 27.41 -8.29
CA LYS B 17 3.70 27.42 -8.28
C LYS B 17 3.47 25.99 -7.79
N VAL B 18 3.00 25.87 -6.55
CA VAL B 18 2.72 24.59 -5.93
C VAL B 18 1.36 24.65 -5.25
N ALA B 19 0.89 23.48 -4.81
CA ALA B 19 -0.42 23.41 -4.17
C ALA B 19 -0.46 24.17 -2.87
N ASP B 20 0.58 24.03 -2.04
CA ASP B 20 0.51 24.53 -0.66
C ASP B 20 1.94 24.57 -0.12
N ILE B 21 2.51 25.76 -0.07
CA ILE B 21 3.90 25.93 0.37
C ILE B 21 4.08 25.52 1.83
N THR B 22 3.00 25.47 2.62
CA THR B 22 3.17 25.11 4.02
C THR B 22 3.45 23.63 4.21
N LEU B 23 3.32 22.82 3.15
CA LEU B 23 3.75 21.43 3.22
C LEU B 23 5.26 21.24 3.14
N ALA B 24 6.03 22.34 3.04
CA ALA B 24 7.46 22.24 2.79
C ALA B 24 8.19 21.47 3.88
N ALA B 25 7.90 21.77 5.16
CA ALA B 25 8.64 21.13 6.24
C ALA B 25 8.42 19.61 6.26
N TRP B 26 7.17 19.16 6.04
CA TRP B 26 6.93 17.73 5.86
C TRP B 26 7.74 17.17 4.70
N GLY B 27 7.71 17.85 3.56
CA GLY B 27 8.49 17.41 2.42
C GLY B 27 9.98 17.32 2.74
N ARG B 28 10.50 18.32 3.46
CA ARG B 28 11.91 18.31 3.80
C ARG B 28 12.26 17.14 4.72
N ARG B 29 11.37 16.81 5.67
CA ARG B 29 11.60 15.63 6.50
C ARG B 29 11.66 14.37 5.65
N GLU B 30 10.77 14.26 4.66
CA GLU B 30 10.81 13.08 3.79
C GLU B 30 12.02 13.08 2.87
N LEU B 31 12.50 14.26 2.45
CA LEU B 31 13.73 14.30 1.65
C LEU B 31 14.91 13.79 2.46
N ILE B 32 14.97 14.18 3.75
CA ILE B 32 16.09 13.77 4.58
C ILE B 32 16.08 12.26 4.80
N ILE B 33 14.89 11.68 4.98
CA ILE B 33 14.79 10.21 5.02
C ILE B 33 15.23 9.61 3.69
N ALA B 34 14.74 10.18 2.58
CA ALA B 34 15.05 9.61 1.27
C ALA B 34 16.54 9.64 0.97
N GLU B 35 17.22 10.71 1.39
CA GLU B 35 18.68 10.73 1.24
C GLU B 35 19.33 9.51 1.89
N SER B 36 18.84 9.08 3.05
CA SER B 36 19.41 7.88 3.68
C SER B 36 19.07 6.60 2.94
N GLU B 37 18.07 6.63 2.06
CA GLU B 37 17.66 5.50 1.24
C GLU B 37 18.29 5.52 -0.15
N MET B 38 19.10 6.52 -0.47
CA MET B 38 19.62 6.70 -1.83
C MET B 38 21.14 6.82 -1.82
N PRO B 39 21.84 5.73 -1.50
CA PRO B 39 23.31 5.83 -1.32
C PRO B 39 24.07 6.08 -2.61
N ALA B 40 23.60 5.58 -3.76
CA ALA B 40 24.31 5.88 -5.00
C ALA B 40 24.24 7.36 -5.33
N LEU B 41 23.04 7.92 -5.24
CA LEU B 41 22.85 9.33 -5.53
C LEU B 41 23.59 10.21 -4.52
N MET B 42 23.49 9.89 -3.23
CA MET B 42 24.22 10.64 -2.20
CA MET B 42 24.21 10.70 -2.26
C MET B 42 25.72 10.48 -2.35
N GLY B 43 26.16 9.29 -2.79
CA GLY B 43 27.57 9.09 -3.04
C GLY B 43 28.09 10.00 -4.15
N LEU B 44 27.26 10.20 -5.19
CA LEU B 44 27.65 11.13 -6.25
C LEU B 44 27.74 12.55 -5.74
N ARG B 45 26.80 12.95 -4.88
CA ARG B 45 26.86 14.27 -4.27
C ARG B 45 28.19 14.46 -3.55
N ARG B 46 28.59 13.46 -2.75
CA ARG B 46 29.82 13.57 -1.99
C ARG B 46 31.04 13.57 -2.89
N LYS B 47 31.05 12.69 -3.89
CA LYS B 47 32.20 12.54 -4.76
C LYS B 47 32.45 13.80 -5.59
N TYR B 48 31.39 14.44 -6.07
CA TYR B 48 31.53 15.49 -7.07
C TYR B 48 31.29 16.90 -6.54
N ALA B 49 30.92 17.05 -5.27
CA ALA B 49 30.56 18.37 -4.76
C ALA B 49 31.71 19.35 -4.87
N GLY B 50 32.92 18.92 -4.52
CA GLY B 50 34.06 19.82 -4.61
C GLY B 50 34.41 20.22 -6.03
N GLN B 51 34.23 19.29 -6.97
CA GLN B 51 34.57 19.51 -8.37
C GLN B 51 33.56 20.41 -9.07
N GLN B 52 32.31 20.45 -8.61
CA GLN B 52 31.27 21.25 -9.23
C GLN B 52 31.14 21.00 -10.74
N PRO B 53 30.98 19.74 -11.17
CA PRO B 53 30.98 19.44 -12.61
C PRO B 53 29.80 20.02 -13.35
N LEU B 54 28.73 20.42 -12.65
CA LEU B 54 27.58 21.04 -13.29
C LEU B 54 27.54 22.55 -13.09
N LYS B 55 28.66 23.14 -12.67
CA LYS B 55 28.71 24.59 -12.54
C LYS B 55 28.45 25.23 -13.91
N GLY B 56 27.44 26.09 -13.99
CA GLY B 56 27.04 26.68 -15.25
C GLY B 56 25.93 25.94 -15.96
N ALA B 57 25.58 24.73 -15.52
CA ALA B 57 24.47 24.02 -16.12
C ALA B 57 23.15 24.67 -15.72
N LYS B 58 22.24 24.75 -16.67
CA LYS B 58 20.92 25.35 -16.45
C LYS B 58 19.94 24.34 -17.03
N ILE B 59 19.34 23.54 -16.15
CA ILE B 59 18.64 22.31 -16.53
C ILE B 59 17.13 22.54 -16.49
N LEU B 60 16.47 22.33 -17.62
CA LEU B 60 15.02 22.21 -17.65
C LEU B 60 14.69 20.77 -17.33
N GLY B 61 13.97 20.55 -16.23
CA GLY B 61 13.62 19.21 -15.84
C GLY B 61 12.12 18.95 -15.90
N CYS B 62 11.71 17.81 -16.46
CA CYS B 62 10.29 17.44 -16.55
C CYS B 62 10.17 15.98 -16.14
N ILE B 63 9.86 15.76 -14.88
CA ILE B 63 9.73 14.41 -14.34
C ILE B 63 8.97 14.49 -13.03
N HIS B 64 8.07 13.53 -12.85
CA HIS B 64 7.23 13.34 -11.66
C HIS B 64 7.80 14.01 -10.43
N MET B 65 7.10 15.02 -9.88
CA MET B 65 7.66 15.81 -8.80
C MET B 65 7.40 15.13 -7.46
N THR B 66 8.10 14.00 -7.27
CA THR B 66 8.07 13.20 -6.06
C THR B 66 9.23 13.55 -5.13
N ILE B 67 9.22 12.95 -3.94
CA ILE B 67 10.33 13.07 -3.00
C ILE B 67 11.63 12.57 -3.64
N GLN B 68 11.55 11.49 -4.40
CA GLN B 68 12.74 10.95 -5.05
C GLN B 68 13.29 11.95 -6.07
N THR B 69 12.41 12.58 -6.84
CA THR B 69 12.85 13.60 -7.76
C THR B 69 13.44 14.79 -7.02
N GLY B 70 12.94 15.10 -5.84
CA GLY B 70 13.55 16.16 -5.04
C GLY B 70 15.00 15.88 -4.72
N VAL B 71 15.32 14.63 -4.36
CA VAL B 71 16.71 14.31 -4.08
C VAL B 71 17.57 14.41 -5.35
N LEU B 72 17.01 13.99 -6.49
CA LEU B 72 17.68 14.21 -7.78
C LEU B 72 17.95 15.69 -8.03
N ILE B 73 16.90 16.52 -7.95
CA ILE B 73 17.06 17.97 -8.15
C ILE B 73 18.17 18.52 -7.26
N GLU B 74 18.12 18.22 -5.96
CA GLU B 74 19.09 18.81 -5.05
C GLU B 74 20.51 18.26 -5.26
N THR B 75 20.62 17.04 -5.79
CA THR B 75 21.95 16.55 -6.19
C THR B 75 22.50 17.36 -7.36
N LEU B 76 21.66 17.61 -8.38
CA LEU B 76 22.12 18.43 -9.51
C LEU B 76 22.55 19.81 -9.03
N VAL B 77 21.74 20.44 -8.17
CA VAL B 77 22.07 21.75 -7.61
C VAL B 77 23.35 21.68 -6.79
N ALA B 78 23.49 20.62 -5.99
CA ALA B 78 24.68 20.46 -5.16
C ALA B 78 25.95 20.36 -6.00
N LEU B 79 25.84 19.87 -7.24
CA LEU B 79 26.97 19.76 -8.15
C LEU B 79 27.16 21.00 -9.01
N GLY B 80 26.36 22.04 -8.80
CA GLY B 80 26.55 23.34 -9.43
C GLY B 80 25.42 23.79 -10.33
N ALA B 81 24.44 22.94 -10.63
CA ALA B 81 23.42 23.33 -11.58
C ALA B 81 22.41 24.31 -10.97
N GLU B 82 21.77 25.08 -11.85
CA GLU B 82 20.48 25.67 -11.57
C GLU B 82 19.45 24.95 -12.41
N VAL B 83 18.21 24.91 -11.92
CA VAL B 83 17.15 24.16 -12.59
C VAL B 83 15.84 24.94 -12.59
N ARG B 84 14.95 24.56 -13.51
CA ARG B 84 13.54 24.95 -13.49
C ARG B 84 12.75 23.69 -13.78
N TRP B 85 11.77 23.37 -12.93
CA TRP B 85 11.23 22.02 -12.88
C TRP B 85 9.72 21.97 -13.03
N SER B 86 9.23 20.91 -13.69
CA SER B 86 7.81 20.58 -13.75
C SER B 86 7.65 19.07 -13.66
N SER B 87 6.43 18.62 -13.40
CA SER B 87 6.14 17.19 -13.42
C SER B 87 5.81 16.78 -14.86
N CYS B 88 6.04 15.50 -15.16
CA CYS B 88 5.66 14.95 -16.46
C CYS B 88 4.31 14.22 -16.43
N ASN B 89 3.55 14.36 -15.35
CA ASN B 89 2.21 13.81 -15.31
C ASN B 89 1.34 14.64 -14.38
N ILE B 90 0.06 14.76 -14.74
CA ILE B 90 -0.86 15.62 -13.99
C ILE B 90 -1.14 15.10 -12.58
N PHE B 91 -0.91 13.81 -12.32
CA PHE B 91 -1.28 13.23 -11.01
C PHE B 91 -0.08 12.74 -10.18
N SER B 92 1.14 12.89 -10.68
CA SER B 92 2.25 12.19 -10.04
C SER B 92 3.00 13.04 -9.02
N THR B 93 2.76 14.34 -8.97
CA THR B 93 3.45 15.18 -7.99
C THR B 93 3.05 14.77 -6.57
N GLN B 94 4.02 14.76 -5.67
CA GLN B 94 3.74 14.75 -4.24
C GLN B 94 3.83 16.21 -3.79
N ASP B 95 2.74 16.78 -3.30
CA ASP B 95 2.70 18.22 -3.05
C ASP B 95 3.71 18.63 -1.98
N GLN B 96 4.00 17.74 -1.03
CA GLN B 96 4.99 18.10 -0.03
C GLN B 96 6.40 18.15 -0.62
N ALA B 97 6.68 17.30 -1.63
CA ALA B 97 7.96 17.38 -2.34
C ALA B 97 8.08 18.68 -3.12
N ALA B 98 7.03 19.05 -3.88
CA ALA B 98 7.07 20.30 -4.62
C ALA B 98 7.25 21.48 -3.68
N ALA B 99 6.54 21.47 -2.54
CA ALA B 99 6.66 22.55 -1.58
C ALA B 99 8.08 22.65 -1.02
N ALA B 100 8.70 21.50 -0.71
CA ALA B 100 10.04 21.56 -0.13
C ALA B 100 11.04 22.13 -1.12
N ILE B 101 10.90 21.80 -2.41
CA ILE B 101 11.80 22.30 -3.44
C ILE B 101 11.60 23.79 -3.64
N ALA B 102 10.35 24.25 -3.69
CA ALA B 102 10.08 25.68 -3.86
C ALA B 102 10.60 26.46 -2.67
N ALA B 103 10.43 25.90 -1.46
CA ALA B 103 10.87 26.61 -0.25
C ALA B 103 12.39 26.72 -0.18
N ALA B 104 13.10 25.87 -0.89
CA ALA B 104 14.54 25.95 -1.01
C ALA B 104 14.99 26.98 -2.06
N GLY B 105 14.06 27.70 -2.67
CA GLY B 105 14.42 28.70 -3.68
C GLY B 105 14.59 28.14 -5.07
N ILE B 106 14.03 26.98 -5.37
CA ILE B 106 14.21 26.33 -6.66
C ILE B 106 12.92 26.46 -7.44
N PRO B 107 12.96 26.95 -8.69
CA PRO B 107 11.70 27.15 -9.43
C PRO B 107 11.09 25.80 -9.79
N VAL B 108 9.88 25.57 -9.31
CA VAL B 108 9.15 24.35 -9.59
C VAL B 108 7.68 24.71 -9.79
N PHE B 109 7.07 24.11 -10.80
CA PHE B 109 5.68 24.38 -11.17
C PHE B 109 5.00 23.02 -11.26
N ALA B 110 4.31 22.63 -10.20
CA ALA B 110 3.83 21.25 -10.11
C ALA B 110 2.89 21.07 -8.94
N TRP B 111 1.78 20.38 -9.18
CA TRP B 111 0.89 19.99 -8.10
C TRP B 111 0.14 18.74 -8.53
N LYS B 112 -0.34 18.00 -7.54
CA LYS B 112 -1.14 16.82 -7.83
C LYS B 112 -2.54 17.24 -8.27
N GLY B 113 -3.00 16.71 -9.40
CA GLY B 113 -4.33 17.06 -9.90
C GLY B 113 -4.39 18.24 -10.85
N GLU B 114 -3.34 18.47 -11.63
CA GLU B 114 -3.37 19.48 -12.68
C GLU B 114 -4.41 19.11 -13.74
N THR B 115 -4.99 20.14 -14.38
CA THR B 115 -5.66 19.92 -15.64
C THR B 115 -4.62 19.84 -16.76
N GLU B 116 -5.06 19.43 -17.95
CA GLU B 116 -4.15 19.39 -19.09
CA GLU B 116 -4.14 19.39 -19.08
C GLU B 116 -3.62 20.78 -19.42
N GLU B 117 -4.48 21.80 -19.33
CA GLU B 117 -4.01 23.17 -19.58
C GLU B 117 -2.97 23.59 -18.56
N GLU B 118 -3.19 23.24 -17.28
CA GLU B 118 -2.21 23.57 -16.25
C GLU B 118 -0.90 22.83 -16.46
N TYR B 119 -0.98 21.57 -16.91
CA TYR B 119 0.22 20.79 -17.17
C TYR B 119 1.09 21.46 -18.20
N GLU B 120 0.47 21.93 -19.30
CA GLU B 120 1.21 22.63 -20.34
C GLU B 120 1.74 23.96 -19.82
N TRP B 121 0.94 24.69 -19.03
CA TRP B 121 1.41 25.95 -18.46
C TRP B 121 2.62 25.74 -17.56
N CYS B 122 2.63 24.65 -16.77
CA CYS B 122 3.76 24.40 -15.89
C CYS B 122 5.05 24.16 -16.68
N ILE B 123 4.99 23.35 -17.73
CA ILE B 123 6.19 23.19 -18.56
C ILE B 123 6.63 24.54 -19.11
N GLU B 124 5.68 25.33 -19.59
CA GLU B 124 6.01 26.64 -20.14
CA GLU B 124 6.01 26.64 -20.14
C GLU B 124 6.68 27.54 -19.10
N GLN B 125 6.31 27.42 -17.82
CA GLN B 125 6.95 28.25 -16.79
C GLN B 125 8.40 27.82 -16.52
N THR B 126 8.76 26.58 -16.82
CA THR B 126 10.17 26.24 -16.77
C THR B 126 10.93 26.82 -17.95
N ILE B 127 10.32 26.80 -19.13
CA ILE B 127 10.98 27.23 -20.36
C ILE B 127 11.17 28.74 -20.36
N LEU B 128 10.19 29.47 -19.85
CA LEU B 128 10.22 30.93 -19.84
C LEU B 128 10.53 31.41 -18.43
N LYS B 129 11.37 32.45 -18.34
CA LYS B 129 11.60 33.14 -17.08
C LYS B 129 11.38 34.62 -17.35
N ASP B 130 10.48 35.23 -16.57
CA ASP B 130 10.12 36.63 -16.78
C ASP B 130 9.64 36.88 -18.21
N GLY B 131 8.91 35.91 -18.75
CA GLY B 131 8.25 36.04 -20.03
C GLY B 131 9.12 35.81 -21.24
N GLN B 132 10.38 35.44 -21.06
CA GLN B 132 11.31 35.26 -22.15
C GLN B 132 12.02 33.93 -21.94
N PRO B 133 12.58 33.34 -23.01
CA PRO B 133 13.27 32.06 -22.85
C PRO B 133 14.31 32.13 -21.75
N TRP B 134 14.27 31.14 -20.85
CA TRP B 134 15.33 31.00 -19.86
C TRP B 134 16.64 30.62 -20.57
N ASP B 135 17.77 30.89 -19.91
CA ASP B 135 19.05 30.52 -20.50
C ASP B 135 19.38 29.05 -20.28
N ALA B 136 18.46 28.18 -20.67
CA ALA B 136 18.64 26.74 -20.50
C ALA B 136 19.82 26.23 -21.33
N ASN B 137 20.50 25.20 -20.81
CA ASN B 137 21.51 24.54 -21.62
C ASN B 137 21.50 23.02 -21.47
N MET B 138 20.58 22.47 -20.68
CA MET B 138 20.45 21.03 -20.51
C MET B 138 18.98 20.69 -20.34
N VAL B 139 18.60 19.46 -20.69
CA VAL B 139 17.23 18.98 -20.54
C VAL B 139 17.25 17.62 -19.85
N LEU B 140 16.41 17.46 -18.84
CA LEU B 140 16.16 16.17 -18.20
C LEU B 140 14.67 15.89 -18.36
N ASP B 141 14.32 14.78 -19.01
CA ASP B 141 12.95 14.54 -19.43
C ASP B 141 12.54 13.10 -19.10
N ASP B 142 11.25 12.91 -18.91
CA ASP B 142 10.67 11.59 -18.65
C ASP B 142 9.40 11.51 -19.49
N GLY B 143 9.51 10.84 -20.64
CA GLY B 143 8.38 10.64 -21.53
C GLY B 143 8.40 11.48 -22.79
N GLY B 144 9.26 12.50 -22.86
CA GLY B 144 9.48 13.26 -24.08
C GLY B 144 8.60 14.47 -24.29
N ASP B 145 7.74 14.83 -23.34
CA ASP B 145 6.84 15.98 -23.56
C ASP B 145 7.63 17.29 -23.62
N LEU B 146 8.54 17.52 -22.68
CA LEU B 146 9.33 18.75 -22.73
C LEU B 146 10.21 18.77 -23.97
N THR B 147 10.80 17.62 -24.32
CA THR B 147 11.62 17.53 -25.53
C THR B 147 10.82 17.91 -26.77
N GLU B 148 9.58 17.43 -26.85
CA GLU B 148 8.75 17.74 -28.01
C GLU B 148 8.39 19.22 -28.06
N ILE B 149 8.04 19.81 -26.92
CA ILE B 149 7.69 21.24 -26.89
C ILE B 149 8.88 22.08 -27.32
N LEU B 150 10.09 21.73 -26.85
CA LEU B 150 11.25 22.51 -27.27
C LEU B 150 11.48 22.42 -28.76
N HIS B 151 11.37 21.22 -29.34
CA HIS B 151 11.61 21.06 -30.78
C HIS B 151 10.54 21.77 -31.60
N LYS B 152 9.29 21.74 -31.15
CA LYS B 152 8.21 22.26 -31.99
C LYS B 152 8.06 23.77 -31.84
N LYS B 153 8.27 24.29 -30.62
CA LYS B 153 7.91 25.65 -30.28
C LYS B 153 9.09 26.53 -29.91
N TYR B 154 10.23 25.95 -29.49
CA TYR B 154 11.38 26.74 -29.05
C TYR B 154 12.68 26.27 -29.69
N PRO B 155 12.72 26.13 -31.02
CA PRO B 155 13.98 25.70 -31.65
C PRO B 155 15.17 26.59 -31.35
N GLN B 156 14.98 27.91 -31.22
CA GLN B 156 16.12 28.78 -30.89
C GLN B 156 16.73 28.41 -29.55
N MET B 157 15.92 27.91 -28.60
CA MET B 157 16.49 27.50 -27.32
C MET B 157 17.34 26.25 -27.45
N LEU B 158 16.93 25.31 -28.33
CA LEU B 158 17.73 24.10 -28.50
C LEU B 158 19.12 24.41 -29.03
N GLU B 159 19.29 25.54 -29.74
CA GLU B 159 20.62 25.87 -30.26
C GLU B 159 21.66 25.91 -29.15
N ARG B 160 21.25 26.32 -27.94
CA ARG B 160 22.16 26.49 -26.82
C ARG B 160 22.12 25.36 -25.81
N ILE B 161 21.40 24.27 -26.12
CA ILE B 161 21.25 23.13 -25.20
C ILE B 161 22.24 22.04 -25.60
N HIS B 162 22.97 21.53 -24.60
CA HIS B 162 24.03 20.53 -24.85
C HIS B 162 23.50 19.11 -24.95
N GLY B 163 22.31 18.82 -24.43
CA GLY B 163 21.87 17.44 -24.45
C GLY B 163 20.58 17.25 -23.67
N ILE B 164 20.00 16.06 -23.91
CA ILE B 164 18.80 15.58 -23.23
C ILE B 164 19.14 14.26 -22.53
N THR B 165 18.73 14.13 -21.28
CA THR B 165 18.84 12.84 -20.59
C THR B 165 17.44 12.32 -20.32
N GLU B 166 17.07 11.25 -21.02
CA GLU B 166 15.68 10.80 -21.06
C GLU B 166 15.51 9.55 -20.21
N GLU B 167 14.47 9.58 -19.38
CA GLU B 167 14.28 8.61 -18.30
C GLU B 167 13.66 7.30 -18.76
N THR B 168 12.71 7.31 -19.70
CA THR B 168 11.76 6.22 -19.77
C THR B 168 11.59 5.67 -21.18
N THR B 169 11.12 4.42 -21.23
CA THR B 169 11.02 3.69 -22.49
C THR B 169 10.29 4.49 -23.55
N THR B 170 9.13 5.04 -23.19
CA THR B 170 8.34 5.80 -24.16
C THR B 170 9.10 7.01 -24.67
N GLY B 171 9.79 7.75 -23.78
CA GLY B 171 10.56 8.90 -24.24
C GLY B 171 11.69 8.52 -25.17
N VAL B 172 12.36 7.38 -24.87
CA VAL B 172 13.44 6.92 -25.73
C VAL B 172 12.91 6.61 -27.13
N HIS B 173 11.76 5.93 -27.20
CA HIS B 173 11.18 5.65 -28.51
C HIS B 173 10.97 6.92 -29.30
N ARG B 174 10.46 7.96 -28.63
CA ARG B 174 10.24 9.23 -29.31
C ARG B 174 11.57 9.84 -29.77
N LEU B 175 12.61 9.75 -28.96
CA LEU B 175 13.92 10.25 -29.36
C LEU B 175 14.44 9.52 -30.59
N LEU B 176 14.27 8.20 -30.63
CA LEU B 176 14.79 7.43 -31.75
C LEU B 176 14.01 7.72 -33.02
N ASP B 177 12.69 7.96 -32.90
CA ASP B 177 11.92 8.38 -34.06
C ASP B 177 12.44 9.70 -34.61
N MET B 178 12.76 10.65 -33.71
CA MET B 178 13.28 11.92 -34.18
CA MET B 178 13.29 11.93 -34.16
C MET B 178 14.65 11.76 -34.83
N LEU B 179 15.53 10.96 -34.22
CA LEU B 179 16.85 10.73 -34.80
C LEU B 179 16.73 10.14 -36.20
N LYS B 180 15.82 9.17 -36.37
CA LYS B 180 15.67 8.51 -37.67
C LYS B 180 15.06 9.45 -38.70
N ASN B 181 14.24 10.40 -38.28
CA ASN B 181 13.64 11.37 -39.20
C ASN B 181 14.53 12.59 -39.41
N GLY B 182 15.69 12.65 -38.76
CA GLY B 182 16.55 13.81 -38.87
C GLY B 182 16.04 15.05 -38.18
N THR B 183 15.15 14.92 -37.19
CA THR B 183 14.58 16.08 -36.51
C THR B 183 15.11 16.28 -35.09
N LEU B 184 15.85 15.34 -34.55
CA LEU B 184 16.46 15.54 -33.24
C LEU B 184 17.56 16.59 -33.36
N LYS B 185 17.54 17.59 -32.48
CA LYS B 185 18.45 18.72 -32.62
C LYS B 185 19.62 18.71 -31.66
N VAL B 186 19.55 17.92 -30.60
CA VAL B 186 20.64 17.81 -29.63
C VAL B 186 20.81 16.35 -29.25
N PRO B 187 22.02 15.97 -28.85
CA PRO B 187 22.23 14.54 -28.50
C PRO B 187 21.54 14.18 -27.20
N ALA B 188 21.37 12.88 -27.01
CA ALA B 188 20.63 12.39 -25.86
C ALA B 188 21.34 11.20 -25.25
N ILE B 189 21.14 11.03 -23.95
CA ILE B 189 21.45 9.78 -23.29
C ILE B 189 20.15 9.07 -22.95
N ASN B 190 20.05 7.81 -23.37
CA ASN B 190 18.98 6.89 -23.02
C ASN B 190 19.34 6.37 -21.64
N VAL B 191 18.79 7.02 -20.60
CA VAL B 191 19.01 6.58 -19.23
C VAL B 191 18.24 5.31 -18.92
N ASN B 192 17.10 5.12 -19.61
CA ASN B 192 16.27 3.93 -19.38
C ASN B 192 17.07 2.64 -19.47
N ASP B 193 18.00 2.54 -20.42
CA ASP B 193 18.57 1.23 -20.73
C ASP B 193 19.82 0.86 -19.94
N SER B 194 20.24 1.65 -18.95
CA SER B 194 21.15 1.09 -17.94
C SER B 194 20.44 -0.07 -17.25
N VAL B 195 21.22 -1.09 -16.84
CA VAL B 195 20.60 -2.19 -16.09
C VAL B 195 20.10 -1.70 -14.75
N THR B 196 20.85 -0.79 -14.11
CA THR B 196 20.44 -0.23 -12.83
C THR B 196 19.28 0.74 -12.97
N LYS B 197 18.83 1.00 -14.20
CA LYS B 197 17.54 1.66 -14.42
C LYS B 197 16.49 0.64 -14.86
N SER B 198 16.58 0.16 -16.09
CA SER B 198 15.54 -0.71 -16.65
C SER B 198 15.19 -1.90 -15.77
N LYS B 199 16.19 -2.66 -15.33
CA LYS B 199 15.93 -3.93 -14.65
CA LYS B 199 15.93 -3.93 -14.65
C LYS B 199 15.88 -3.76 -13.14
N ASN B 200 15.63 -2.54 -12.68
CA ASN B 200 15.54 -2.09 -11.30
C ASN B 200 14.25 -1.28 -11.17
N ASP B 201 14.23 -0.10 -11.76
CA ASP B 201 13.06 0.79 -11.77
C ASP B 201 11.88 0.16 -12.53
N ASN B 202 12.06 -0.18 -13.81
CA ASN B 202 10.92 -0.59 -14.62
C ASN B 202 10.26 -1.85 -14.06
N LYS B 203 11.08 -2.79 -13.59
CA LYS B 203 10.58 -4.07 -13.05
C LYS B 203 10.33 -4.01 -11.55
N TYR B 204 11.39 -3.91 -10.74
CA TYR B 204 11.21 -3.99 -9.29
C TYR B 204 10.41 -2.82 -8.75
N GLY B 205 10.54 -1.64 -9.35
CA GLY B 205 9.73 -0.51 -8.90
C GLY B 205 8.25 -0.77 -9.02
N CYS B 206 7.83 -1.38 -10.13
CA CYS B 206 6.42 -1.68 -10.29
C CYS B 206 5.98 -2.80 -9.36
N ARG B 207 6.88 -3.74 -9.06
CA ARG B 207 6.55 -4.77 -8.08
C ARG B 207 6.17 -4.17 -6.73
N HIS B 208 6.92 -3.16 -6.28
CA HIS B 208 6.61 -2.48 -5.01
C HIS B 208 5.35 -1.62 -5.12
N SER B 209 5.22 -0.87 -6.20
CA SER B 209 4.27 0.23 -6.20
C SER B 209 2.92 -0.06 -6.85
N LEU B 210 2.78 -1.13 -7.66
CA LEU B 210 1.47 -1.38 -8.25
C LEU B 210 0.46 -1.80 -7.19
N ASN B 211 0.74 -2.88 -6.44
CA ASN B 211 -0.20 -3.30 -5.42
CA ASN B 211 -0.21 -3.30 -5.42
C ASN B 211 -0.40 -2.20 -4.39
N ASP B 212 0.64 -1.38 -4.14
CA ASP B 212 0.55 -0.26 -3.22
C ASP B 212 -0.56 0.69 -3.67
N ALA B 213 -0.52 1.09 -4.94
CA ALA B 213 -1.52 2.01 -5.46
C ALA B 213 -2.93 1.41 -5.47
N ILE B 214 -3.05 0.13 -5.84
CA ILE B 214 -4.37 -0.49 -5.84
C ILE B 214 -4.95 -0.51 -4.43
N LYS B 215 -4.14 -0.84 -3.43
CA LYS B 215 -4.61 -0.84 -2.05
C LYS B 215 -5.03 0.55 -1.61
N ARG B 216 -4.21 1.56 -1.91
CA ARG B 216 -4.58 2.90 -1.45
C ARG B 216 -5.85 3.37 -2.13
N GLY B 217 -6.01 3.05 -3.42
CA GLY B 217 -7.16 3.55 -4.16
C GLY B 217 -8.45 2.85 -3.77
N THR B 218 -8.40 1.52 -3.57
CA THR B 218 -9.61 0.74 -3.37
C THR B 218 -9.69 0.00 -2.05
N ASP B 219 -8.56 -0.26 -1.40
CA ASP B 219 -8.49 -1.11 -0.21
C ASP B 219 -9.04 -2.51 -0.48
N HIS B 220 -9.05 -2.96 -1.74
CA HIS B 220 -9.55 -4.29 -2.06
C HIS B 220 -8.57 -5.38 -1.63
N LEU B 221 -9.11 -6.45 -1.05
CA LEU B 221 -8.37 -7.71 -1.00
C LEU B 221 -8.01 -8.10 -2.43
N LEU B 222 -6.76 -8.50 -2.64
CA LEU B 222 -6.32 -8.98 -3.94
C LEU B 222 -6.17 -10.49 -3.97
N SER B 223 -5.83 -11.11 -2.84
CA SER B 223 -5.65 -12.56 -2.77
CA SER B 223 -5.63 -12.56 -2.83
C SER B 223 -6.90 -13.28 -3.24
N GLY B 224 -6.74 -14.29 -4.12
CA GLY B 224 -7.86 -15.08 -4.56
C GLY B 224 -8.63 -14.52 -5.72
N LYS B 225 -8.32 -13.30 -6.16
CA LYS B 225 -9.05 -12.65 -7.26
CA LYS B 225 -9.05 -12.67 -7.27
C LYS B 225 -8.25 -12.77 -8.55
N GLN B 226 -8.94 -12.51 -9.67
CA GLN B 226 -8.40 -12.73 -11.01
CA GLN B 226 -8.38 -12.73 -11.00
C GLN B 226 -7.88 -11.42 -11.60
N ALA B 227 -6.63 -11.44 -12.08
CA ALA B 227 -6.03 -10.31 -12.74
C ALA B 227 -5.63 -10.67 -14.16
N LEU B 228 -5.67 -9.64 -15.03
CA LEU B 228 -5.13 -9.74 -16.38
C LEU B 228 -4.15 -8.58 -16.54
N VAL B 229 -2.89 -8.92 -16.79
CA VAL B 229 -1.84 -7.93 -17.05
C VAL B 229 -1.60 -7.92 -18.54
N ILE B 230 -1.78 -6.75 -19.17
CA ILE B 230 -1.54 -6.63 -20.61
C ILE B 230 -0.08 -6.20 -20.78
N GLY B 231 0.73 -7.12 -21.28
CA GLY B 231 2.15 -6.86 -21.48
C GLY B 231 3.02 -7.58 -20.48
N TYR B 232 4.22 -7.94 -20.91
CA TYR B 232 5.17 -8.69 -20.06
C TYR B 232 6.60 -8.28 -20.42
N GLY B 233 6.80 -6.98 -20.68
CA GLY B 233 8.13 -6.38 -20.72
C GLY B 233 8.58 -6.12 -19.29
N ASP B 234 9.45 -5.14 -19.09
CA ASP B 234 9.94 -4.91 -17.73
C ASP B 234 8.80 -4.52 -16.79
N VAL B 235 7.98 -3.56 -17.19
CA VAL B 235 6.86 -3.13 -16.33
C VAL B 235 5.85 -4.26 -16.15
N GLY B 236 5.52 -4.99 -17.22
CA GLY B 236 4.58 -6.10 -17.08
C GLY B 236 5.12 -7.20 -16.18
N LYS B 237 6.43 -7.48 -16.24
CA LYS B 237 7.00 -8.48 -15.34
C LYS B 237 6.87 -8.06 -13.89
N GLY B 238 7.24 -6.81 -13.58
CA GLY B 238 7.16 -6.34 -12.21
C GLY B 238 5.73 -6.25 -11.73
N SER B 239 4.83 -5.82 -12.60
CA SER B 239 3.42 -5.70 -12.26
C SER B 239 2.79 -7.06 -11.98
N SER B 240 3.06 -8.04 -12.84
CA SER B 240 2.53 -9.38 -12.61
C SER B 240 2.99 -9.92 -11.27
N GLN B 241 4.27 -9.67 -10.93
CA GLN B 241 4.78 -10.13 -9.65
C GLN B 241 4.13 -9.40 -8.50
N SER B 242 3.92 -8.08 -8.65
CA SER B 242 3.24 -7.30 -7.63
C SER B 242 1.92 -7.93 -7.25
N LEU B 243 1.19 -8.46 -8.24
CA LEU B 243 -0.13 -9.01 -8.01
C LEU B 243 -0.06 -10.48 -7.58
N ARG B 244 0.85 -11.24 -8.20
N ARG B 244 0.82 -11.26 -8.20
CA ARG B 244 0.97 -12.66 -7.84
CA ARG B 244 0.89 -12.66 -7.80
C ARG B 244 1.42 -12.84 -6.40
C ARG B 244 1.40 -12.83 -6.38
N GLN B 245 2.30 -11.95 -5.93
CA GLN B 245 2.81 -12.10 -4.58
C GLN B 245 1.74 -11.80 -3.53
N GLU B 246 0.71 -11.03 -3.91
CA GLU B 246 -0.46 -10.79 -3.08
C GLU B 246 -1.46 -11.94 -3.13
N GLY B 247 -1.22 -12.95 -3.97
CA GLY B 247 -2.15 -14.06 -4.10
C GLY B 247 -3.16 -13.93 -5.23
N MET B 248 -2.99 -12.97 -6.14
CA MET B 248 -3.89 -12.93 -7.28
C MET B 248 -3.60 -14.11 -8.21
N ILE B 249 -4.64 -14.50 -8.94
CA ILE B 249 -4.50 -15.45 -10.04
C ILE B 249 -4.29 -14.58 -11.28
N VAL B 250 -3.05 -14.53 -11.77
CA VAL B 250 -2.65 -13.57 -12.79
C VAL B 250 -2.57 -14.27 -14.13
N LYS B 251 -3.26 -13.69 -15.13
CA LYS B 251 -3.10 -14.07 -16.52
C LYS B 251 -2.38 -12.94 -17.24
N VAL B 252 -1.61 -13.26 -18.28
CA VAL B 252 -0.74 -12.30 -18.97
C VAL B 252 -1.06 -12.33 -20.45
N ALA B 253 -1.17 -11.14 -21.06
CA ALA B 253 -1.31 -11.04 -22.51
C ALA B 253 -0.03 -10.44 -23.08
N GLU B 254 0.32 -10.85 -24.30
CA GLU B 254 1.52 -10.35 -24.94
C GLU B 254 1.39 -10.47 -26.44
N VAL B 255 2.07 -9.57 -27.16
CA VAL B 255 2.26 -9.74 -28.61
C VAL B 255 3.65 -10.28 -28.93
N ASP B 256 4.58 -10.24 -27.98
CA ASP B 256 5.94 -10.70 -28.24
C ASP B 256 6.06 -12.12 -27.73
N PRO B 257 6.29 -13.11 -28.61
CA PRO B 257 6.30 -14.50 -28.13
C PRO B 257 7.43 -14.81 -27.16
N ILE B 258 8.55 -14.10 -27.25
CA ILE B 258 9.62 -14.31 -26.27
C ILE B 258 9.16 -13.88 -24.89
N CYS B 259 8.57 -12.68 -24.79
CA CYS B 259 8.05 -12.26 -23.49
C CYS B 259 6.94 -13.18 -23.01
N ALA B 260 6.10 -13.67 -23.93
CA ALA B 260 5.06 -14.62 -23.55
C ALA B 260 5.67 -15.91 -23.01
N MET B 261 6.75 -16.40 -23.63
CA MET B 261 7.42 -17.59 -23.15
CA MET B 261 7.43 -17.59 -23.14
C MET B 261 7.92 -17.39 -21.72
N GLN B 262 8.49 -16.23 -21.43
CA GLN B 262 8.92 -15.91 -20.09
C GLN B 262 7.76 -15.99 -19.12
N ALA B 263 6.60 -15.42 -19.52
CA ALA B 263 5.42 -15.47 -18.65
C ALA B 263 5.03 -16.90 -18.33
N CYS B 264 4.98 -17.76 -19.36
CA CYS B 264 4.65 -19.17 -19.13
C CYS B 264 5.64 -19.80 -18.16
N MET B 265 6.94 -19.63 -18.44
CA MET B 265 7.94 -20.26 -17.59
C MET B 265 7.95 -19.66 -16.19
N ASP B 266 7.48 -18.42 -16.03
CA ASP B 266 7.38 -17.81 -14.72
C ASP B 266 6.13 -18.23 -13.98
N GLY B 267 5.29 -19.05 -14.60
CA GLY B 267 4.16 -19.61 -13.89
C GLY B 267 2.86 -18.90 -14.14
N PHE B 268 2.73 -18.17 -15.24
CA PHE B 268 1.49 -17.48 -15.55
C PHE B 268 0.83 -18.11 -16.77
N GLU B 269 -0.50 -18.07 -16.80
CA GLU B 269 -1.26 -18.49 -17.96
C GLU B 269 -1.30 -17.32 -18.95
N VAL B 270 -0.98 -17.59 -20.21
CA VAL B 270 -0.89 -16.55 -21.22
C VAL B 270 -2.16 -16.61 -22.07
N VAL B 271 -2.89 -15.49 -22.13
CA VAL B 271 -4.20 -15.42 -22.75
C VAL B 271 -4.27 -14.16 -23.61
N SER B 272 -5.23 -14.15 -24.54
CA SER B 272 -5.51 -12.94 -25.31
C SER B 272 -6.92 -12.46 -25.02
N PRO B 273 -7.14 -11.14 -24.94
CA PRO B 273 -8.52 -10.64 -24.88
C PRO B 273 -9.35 -11.02 -26.09
N TYR B 274 -8.71 -11.41 -27.21
CA TYR B 274 -9.37 -11.67 -28.48
C TYR B 274 -9.30 -13.15 -28.80
N LYS B 275 -10.36 -13.65 -29.41
CA LYS B 275 -10.38 -15.06 -29.81
C LYS B 275 -9.25 -15.32 -30.80
N ASN B 276 -8.42 -16.31 -30.48
CA ASN B 276 -7.23 -16.68 -31.25
C ASN B 276 -6.24 -15.51 -31.38
N GLY B 277 -6.33 -14.53 -30.50
CA GLY B 277 -5.47 -13.37 -30.54
C GLY B 277 -5.74 -12.38 -31.65
N ILE B 278 -6.87 -12.48 -32.36
N ILE B 278 -6.84 -12.52 -32.38
CA ILE B 278 -7.14 -11.66 -33.54
CA ILE B 278 -7.14 -11.69 -33.54
C ILE B 278 -8.00 -10.47 -33.15
C ILE B 278 -8.28 -10.75 -33.18
N ASN B 279 -7.42 -9.27 -33.22
N ASN B 279 -7.99 -9.44 -33.13
CA ASN B 279 -8.04 -8.01 -32.81
CA ASN B 279 -9.01 -8.42 -32.95
C ASN B 279 -8.54 -7.29 -34.06
C ASN B 279 -9.46 -7.95 -34.32
N ASP B 280 -9.74 -7.67 -34.51
N ASP B 280 -10.72 -8.20 -34.67
CA ASP B 280 -10.31 -7.20 -35.77
CA ASP B 280 -11.27 -7.58 -35.85
C ASP B 280 -11.39 -6.14 -35.60
C ASP B 280 -11.56 -6.11 -35.64
N GLY B 281 -11.63 -5.66 -34.39
CA GLY B 281 -12.45 -4.50 -34.11
C GLY B 281 -13.91 -4.81 -33.87
N THR B 282 -14.32 -6.07 -34.00
CA THR B 282 -15.71 -6.47 -33.77
C THR B 282 -15.88 -6.92 -32.33
N GLU B 283 -17.09 -6.74 -31.80
CA GLU B 283 -17.40 -7.30 -30.48
C GLU B 283 -17.26 -8.82 -30.48
N ALA B 284 -17.54 -9.46 -31.62
CA ALA B 284 -17.49 -10.91 -31.71
C ALA B 284 -16.10 -11.44 -31.46
N SER B 285 -15.05 -10.64 -31.69
CA SER B 285 -13.69 -11.09 -31.46
C SER B 285 -13.30 -11.11 -29.98
N ILE B 286 -14.10 -10.49 -29.10
CA ILE B 286 -13.75 -10.46 -27.69
C ILE B 286 -14.04 -11.82 -27.05
N ASP B 287 -13.08 -12.32 -26.28
CA ASP B 287 -13.29 -13.51 -25.46
C ASP B 287 -14.08 -13.04 -24.23
N ALA B 288 -15.42 -13.03 -24.38
CA ALA B 288 -16.29 -12.52 -23.34
C ALA B 288 -16.26 -13.39 -22.09
N ALA B 289 -16.09 -14.70 -22.25
CA ALA B 289 -16.00 -15.57 -21.09
C ALA B 289 -14.77 -15.24 -20.25
N LEU B 290 -13.63 -14.99 -20.90
CA LEU B 290 -12.42 -14.63 -20.20
C LEU B 290 -12.59 -13.29 -19.48
N LEU B 291 -12.99 -12.25 -20.22
CA LEU B 291 -13.03 -10.93 -19.61
C LEU B 291 -14.10 -10.84 -18.53
N GLY B 292 -15.16 -11.66 -18.64
CA GLY B 292 -16.21 -11.72 -17.64
C GLY B 292 -15.77 -12.27 -16.29
N LYS B 293 -14.55 -12.82 -16.20
CA LYS B 293 -14.05 -13.37 -14.95
C LYS B 293 -12.94 -12.52 -14.34
N ILE B 294 -12.55 -11.44 -14.99
CA ILE B 294 -11.40 -10.66 -14.56
C ILE B 294 -11.84 -9.59 -13.56
N ASP B 295 -11.18 -9.57 -12.39
CA ASP B 295 -11.44 -8.57 -11.36
C ASP B 295 -10.54 -7.34 -11.45
N LEU B 296 -9.44 -7.43 -12.19
CA LEU B 296 -8.46 -6.34 -12.26
C LEU B 296 -7.73 -6.46 -13.58
N ILE B 297 -7.65 -5.37 -14.33
CA ILE B 297 -6.86 -5.33 -15.56
C ILE B 297 -5.86 -4.19 -15.42
N VAL B 298 -4.60 -4.47 -15.78
CA VAL B 298 -3.50 -3.53 -15.69
CA VAL B 298 -3.53 -3.50 -15.71
C VAL B 298 -2.80 -3.49 -17.04
N THR B 299 -2.67 -2.30 -17.63
CA THR B 299 -1.95 -2.16 -18.90
C THR B 299 -0.52 -1.73 -18.64
N THR B 300 0.44 -2.33 -19.37
CA THR B 300 1.87 -2.12 -19.11
C THR B 300 2.69 -1.93 -20.39
N THR B 301 2.07 -1.51 -21.48
CA THR B 301 2.68 -1.76 -22.79
C THR B 301 3.45 -0.58 -23.37
N GLY B 302 3.08 0.68 -23.06
CA GLY B 302 3.58 1.77 -23.89
C GLY B 302 2.95 1.84 -25.26
N ASN B 303 1.91 1.04 -25.51
CA ASN B 303 1.22 0.99 -26.79
C ASN B 303 -0.14 1.66 -26.65
N VAL B 304 -0.91 1.65 -27.73
CA VAL B 304 -2.18 2.37 -27.80
C VAL B 304 -3.34 1.39 -27.81
N ASN B 305 -4.34 1.69 -26.98
CA ASN B 305 -5.64 1.02 -27.01
CA ASN B 305 -5.64 1.02 -27.02
C ASN B 305 -5.49 -0.50 -26.81
N VAL B 306 -4.73 -0.86 -25.77
CA VAL B 306 -4.57 -2.28 -25.44
C VAL B 306 -5.63 -2.75 -24.46
N CYS B 307 -6.38 -1.84 -23.86
CA CYS B 307 -7.62 -2.17 -23.16
C CYS B 307 -8.69 -1.34 -23.85
N ASP B 308 -9.33 -1.93 -24.86
CA ASP B 308 -10.16 -1.18 -25.79
C ASP B 308 -11.62 -1.13 -25.34
N ALA B 309 -12.46 -0.43 -26.14
CA ALA B 309 -13.84 -0.21 -25.73
C ALA B 309 -14.60 -1.52 -25.59
N ASN B 310 -14.38 -2.47 -26.51
CA ASN B 310 -15.09 -3.74 -26.42
C ASN B 310 -14.63 -4.57 -25.23
N MET B 311 -13.34 -4.51 -24.90
CA MET B 311 -12.87 -5.14 -23.67
C MET B 311 -13.54 -4.53 -22.45
N LEU B 312 -13.63 -3.20 -22.40
CA LEU B 312 -14.26 -2.54 -21.25
C LEU B 312 -15.73 -2.92 -21.11
N LYS B 313 -16.44 -3.08 -22.24
CA LYS B 313 -17.83 -3.51 -22.21
C LYS B 313 -17.97 -4.92 -21.66
N ALA B 314 -16.97 -5.79 -21.88
CA ALA B 314 -17.03 -7.21 -21.55
C ALA B 314 -16.51 -7.53 -20.14
N LEU B 315 -15.83 -6.59 -19.49
CA LEU B 315 -15.26 -6.88 -18.19
C LEU B 315 -16.34 -7.21 -17.17
N LYS B 316 -15.95 -8.08 -16.23
CA LYS B 316 -16.77 -8.39 -15.06
C LYS B 316 -17.21 -7.12 -14.36
N LYS B 317 -18.46 -7.11 -13.91
CA LYS B 317 -18.93 -5.98 -13.11
CA LYS B 317 -18.93 -5.98 -13.10
C LYS B 317 -17.99 -5.75 -11.92
N ARG B 318 -17.70 -4.46 -11.68
CA ARG B 318 -16.92 -3.97 -10.54
C ARG B 318 -15.44 -4.29 -10.65
N ALA B 319 -14.99 -4.72 -11.82
CA ALA B 319 -13.56 -4.87 -12.04
C ALA B 319 -12.85 -3.51 -11.90
N VAL B 320 -11.60 -3.56 -11.46
CA VAL B 320 -10.71 -2.41 -11.42
C VAL B 320 -9.92 -2.36 -12.72
N VAL B 321 -9.81 -1.14 -13.26
CA VAL B 321 -9.11 -0.89 -14.52
C VAL B 321 -8.03 0.13 -14.23
N CYS B 322 -6.78 -0.17 -14.61
CA CYS B 322 -5.71 0.79 -14.40
C CYS B 322 -4.59 0.58 -15.42
N ASN B 323 -3.74 1.60 -15.50
CA ASN B 323 -2.65 1.68 -16.46
C ASN B 323 -1.39 2.09 -15.70
N ILE B 324 -0.29 1.37 -15.92
CA ILE B 324 0.99 1.71 -15.34
C ILE B 324 2.03 2.02 -16.42
N GLY B 325 1.61 2.03 -17.69
CA GLY B 325 2.45 2.55 -18.75
C GLY B 325 2.44 4.09 -18.73
N HIS B 326 3.35 4.70 -19.51
CA HIS B 326 3.57 6.16 -19.38
C HIS B 326 2.34 7.01 -19.68
N PHE B 327 1.55 6.66 -20.70
CA PHE B 327 0.47 7.52 -21.17
C PHE B 327 -0.88 6.82 -21.03
N ASP B 328 -1.94 7.63 -20.83
CA ASP B 328 -3.27 7.07 -20.56
C ASP B 328 -3.95 6.43 -21.76
N ASN B 329 -3.48 6.68 -22.96
CA ASN B 329 -4.19 6.08 -24.10
C ASN B 329 -4.00 4.54 -24.22
N GLU B 330 -3.35 3.87 -23.28
CA GLU B 330 -3.39 2.40 -23.24
C GLU B 330 -4.81 1.90 -23.04
N ILE B 331 -5.61 2.64 -22.28
CA ILE B 331 -7.01 2.34 -22.05
C ILE B 331 -7.83 3.34 -22.84
N ASP B 332 -8.92 2.88 -23.46
CA ASP B 332 -9.82 3.78 -24.18
C ASP B 332 -10.70 4.53 -23.17
N THR B 333 -10.07 5.48 -22.45
CA THR B 333 -10.86 6.28 -21.52
C THR B 333 -11.75 7.26 -22.26
N ALA B 334 -11.37 7.66 -23.48
CA ALA B 334 -12.23 8.55 -24.27
C ALA B 334 -13.58 7.90 -24.54
N PHE B 335 -13.59 6.61 -24.89
CA PHE B 335 -14.86 5.90 -25.02
C PHE B 335 -15.67 5.98 -23.73
N MET B 336 -15.01 5.82 -22.59
CA MET B 336 -15.74 5.85 -21.32
CA MET B 336 -15.72 5.86 -21.31
C MET B 336 -16.25 7.25 -21.01
N ARG B 337 -15.50 8.30 -21.35
CA ARG B 337 -15.97 9.67 -21.14
C ARG B 337 -17.18 9.96 -22.00
N LYS B 338 -17.23 9.40 -23.21
CA LYS B 338 -18.31 9.71 -24.13
C LYS B 338 -19.59 8.96 -23.78
N ASN B 339 -19.48 7.77 -23.20
CA ASN B 339 -20.62 6.89 -23.13
C ASN B 339 -21.13 6.62 -21.74
N TRP B 340 -20.29 6.75 -20.71
CA TRP B 340 -20.62 6.26 -19.39
C TRP B 340 -20.45 7.37 -18.36
N ALA B 341 -21.25 7.29 -17.28
CA ALA B 341 -21.26 8.31 -16.24
C ALA B 341 -20.16 8.04 -15.22
N TRP B 342 -19.42 9.09 -14.85
CA TRP B 342 -18.31 8.95 -13.91
C TRP B 342 -18.75 9.45 -12.54
N GLU B 343 -18.63 8.60 -11.54
CA GLU B 343 -18.89 8.95 -10.15
C GLU B 343 -17.55 9.00 -9.43
N GLU B 344 -17.12 10.18 -8.99
CA GLU B 344 -15.85 10.25 -8.25
C GLU B 344 -16.04 9.69 -6.84
N VAL B 345 -15.24 8.68 -6.48
CA VAL B 345 -15.24 8.18 -5.12
C VAL B 345 -14.39 9.07 -4.23
N LYS B 346 -13.17 9.35 -4.69
CA LYS B 346 -12.22 10.26 -4.08
C LYS B 346 -11.21 10.58 -5.15
N PRO B 347 -10.30 11.53 -4.94
CA PRO B 347 -9.35 11.86 -6.01
C PRO B 347 -8.66 10.60 -6.56
N GLN B 348 -8.60 10.53 -7.89
CA GLN B 348 -7.98 9.43 -8.64
C GLN B 348 -8.70 8.10 -8.49
N VAL B 349 -9.95 8.09 -8.07
CA VAL B 349 -10.75 6.86 -8.03
C VAL B 349 -12.14 7.19 -8.53
N HIS B 350 -12.53 6.62 -9.66
CA HIS B 350 -13.85 6.89 -10.21
C HIS B 350 -14.56 5.58 -10.50
N LYS B 351 -15.86 5.53 -10.17
CA LYS B 351 -16.74 4.47 -10.66
C LYS B 351 -17.29 4.89 -12.01
N ILE B 352 -17.12 4.02 -13.01
CA ILE B 352 -17.57 4.26 -14.37
C ILE B 352 -18.82 3.43 -14.58
N HIS B 353 -19.97 4.09 -14.63
CA HIS B 353 -21.26 3.40 -14.62
C HIS B 353 -21.63 3.05 -16.06
N ARG B 354 -21.69 1.75 -16.37
CA ARG B 354 -21.96 1.30 -17.72
C ARG B 354 -23.43 1.36 -18.10
N THR B 355 -24.26 1.91 -17.21
CA THR B 355 -25.68 2.09 -17.48
C THR B 355 -25.96 3.17 -18.52
N GLY B 356 -25.03 4.09 -18.75
CA GLY B 356 -25.26 5.18 -19.66
C GLY B 356 -24.61 6.43 -19.10
N LYS B 357 -24.85 7.55 -19.77
CA LYS B 357 -24.13 8.76 -19.41
C LYS B 357 -25.00 9.80 -18.72
N ASP B 358 -26.30 9.54 -18.58
CA ASP B 358 -27.22 10.59 -18.11
C ASP B 358 -27.38 10.48 -16.59
N GLY B 359 -26.35 10.93 -15.88
CA GLY B 359 -26.29 10.75 -14.44
C GLY B 359 -26.04 9.29 -14.10
N PHE B 360 -26.01 9.01 -12.80
CA PHE B 360 -25.71 7.66 -12.34
C PHE B 360 -26.55 7.37 -11.10
N ASP B 361 -26.70 6.07 -10.85
CA ASP B 361 -27.35 5.54 -9.66
C ASP B 361 -26.25 5.13 -8.68
N ALA B 362 -26.23 5.79 -7.50
CA ALA B 362 -25.20 5.52 -6.51
C ALA B 362 -25.16 4.05 -6.07
N HIS B 363 -26.24 3.31 -6.29
CA HIS B 363 -26.33 1.89 -5.92
C HIS B 363 -26.29 0.95 -7.13
N ASN B 364 -26.03 1.47 -8.33
CA ASN B 364 -25.87 0.61 -9.49
C ASN B 364 -24.72 -0.37 -9.27
N ASP B 365 -24.96 -1.64 -9.62
CA ASP B 365 -23.94 -2.68 -9.49
C ASP B 365 -23.04 -2.79 -10.73
N ASP B 366 -23.39 -2.14 -11.83
CA ASP B 366 -22.70 -2.34 -13.09
C ASP B 366 -21.78 -1.16 -13.37
N TYR B 367 -20.61 -1.19 -12.71
CA TYR B 367 -19.62 -0.14 -12.87
C TYR B 367 -18.24 -0.79 -12.92
N LEU B 368 -17.27 -0.05 -13.42
CA LEU B 368 -15.85 -0.37 -13.31
C LEU B 368 -15.23 0.66 -12.38
N ILE B 369 -14.17 0.29 -11.67
CA ILE B 369 -13.40 1.27 -10.90
C ILE B 369 -12.15 1.61 -11.69
N LEU B 370 -12.07 2.85 -12.17
CA LEU B 370 -10.92 3.34 -12.92
C LEU B 370 -10.02 4.11 -11.96
N LEU B 371 -8.73 3.77 -11.95
CA LEU B 371 -7.77 4.45 -11.07
C LEU B 371 -6.99 5.50 -11.85
N ALA B 372 -6.83 6.67 -11.22
CA ALA B 372 -5.99 7.77 -11.75
C ALA B 372 -6.44 8.22 -13.14
N GLU B 373 -7.73 8.07 -13.43
CA GLU B 373 -8.29 8.42 -14.74
C GLU B 373 -7.49 7.80 -15.89
N GLY B 374 -6.90 6.62 -15.63
CA GLY B 374 -6.12 5.93 -16.65
C GLY B 374 -4.66 6.35 -16.75
N ARG B 375 -4.23 7.33 -15.93
CA ARG B 375 -2.83 7.75 -15.90
C ARG B 375 -2.03 6.82 -15.01
N LEU B 376 -0.69 6.90 -15.13
CA LEU B 376 0.23 6.03 -14.39
C LEU B 376 -0.27 5.80 -12.96
N VAL B 377 -0.66 4.55 -12.65
CA VAL B 377 -1.41 4.30 -11.41
C VAL B 377 -0.51 4.30 -10.19
N ASN B 378 0.72 3.82 -10.32
CA ASN B 378 1.59 3.77 -9.14
C ASN B 378 1.85 5.16 -8.60
N LEU B 379 2.05 6.13 -9.50
CA LEU B 379 2.30 7.51 -9.12
C LEU B 379 1.02 8.26 -8.85
N GLY B 380 -0.08 7.90 -9.51
CA GLY B 380 -1.33 8.61 -9.34
C GLY B 380 -2.05 8.27 -8.06
N ASN B 381 -2.02 7.00 -7.67
CA ASN B 381 -2.75 6.54 -6.50
C ASN B 381 -1.85 6.20 -5.31
N ALA B 382 -0.53 6.21 -5.50
CA ALA B 382 0.37 6.03 -4.37
C ALA B 382 1.53 7.00 -4.55
N THR B 383 2.78 6.56 -4.36
CA THR B 383 3.91 7.49 -4.45
C THR B 383 4.94 7.03 -5.47
N GLY B 384 4.56 6.17 -6.41
CA GLY B 384 5.52 5.66 -7.34
C GLY B 384 6.55 4.75 -6.67
N HIS B 385 7.70 4.63 -7.31
CA HIS B 385 8.72 3.70 -6.83
C HIS B 385 9.35 4.24 -5.53
N PRO B 386 9.88 3.35 -4.69
CA PRO B 386 10.51 3.79 -3.45
C PRO B 386 11.89 4.39 -3.71
N SER B 387 12.33 5.21 -2.75
CA SER B 387 13.62 5.88 -2.85
C SER B 387 14.76 4.93 -3.18
N ARG B 388 14.81 3.75 -2.53
CA ARG B 388 15.99 2.92 -2.71
C ARG B 388 16.07 2.34 -4.12
N ILE B 389 14.94 2.26 -4.82
CA ILE B 389 14.95 1.85 -6.22
C ILE B 389 15.27 3.03 -7.12
N MET B 390 14.63 4.18 -6.86
CA MET B 390 14.90 5.37 -7.68
C MET B 390 16.34 5.83 -7.57
N ASP B 391 17.05 5.44 -6.51
CA ASP B 391 18.46 5.74 -6.36
C ASP B 391 19.22 5.33 -7.61
N GLY B 392 18.91 4.14 -8.14
CA GLY B 392 19.61 3.69 -9.33
C GLY B 392 19.32 4.56 -10.54
N SER B 393 18.04 4.79 -10.82
CA SER B 393 17.68 5.58 -11.98
C SER B 393 18.29 6.97 -11.90
N PHE B 394 18.29 7.54 -10.71
CA PHE B 394 18.67 8.94 -10.58
C PHE B 394 20.18 9.13 -10.47
N ALA B 395 20.91 8.14 -9.95
CA ALA B 395 22.36 8.18 -10.11
C ALA B 395 22.75 8.15 -11.59
N ASN B 396 22.07 7.31 -12.38
CA ASN B 396 22.28 7.32 -13.83
C ASN B 396 21.99 8.68 -14.44
N GLN B 397 20.88 9.32 -14.04
CA GLN B 397 20.54 10.65 -14.55
C GLN B 397 21.66 11.65 -14.29
N VAL B 398 22.21 11.65 -13.07
CA VAL B 398 23.26 12.61 -12.72
C VAL B 398 24.50 12.36 -13.56
N LEU B 399 24.90 11.08 -13.69
CA LEU B 399 26.07 10.76 -14.52
C LEU B 399 25.84 11.21 -15.97
N ALA B 400 24.63 11.03 -16.48
CA ALA B 400 24.33 11.39 -17.86
C ALA B 400 24.34 12.91 -18.04
N GLN B 401 23.79 13.66 -17.07
CA GLN B 401 23.85 15.11 -17.13
C GLN B 401 25.29 15.61 -17.12
N ILE B 402 26.12 15.04 -16.25
CA ILE B 402 27.53 15.43 -16.22
C ILE B 402 28.18 15.17 -17.56
N HIS B 403 27.93 13.98 -18.14
CA HIS B 403 28.59 13.65 -19.41
C HIS B 403 28.19 14.60 -20.53
N LEU B 404 26.90 14.82 -20.71
CA LEU B 404 26.49 15.66 -21.84
C LEU B 404 26.84 17.13 -21.60
N PHE B 405 26.74 17.58 -20.34
CA PHE B 405 27.11 18.97 -20.06
C PHE B 405 28.60 19.21 -20.30
N GLU B 406 29.45 18.27 -19.88
CA GLU B 406 30.89 18.44 -20.11
C GLU B 406 31.25 18.33 -21.58
N GLN B 407 30.47 17.61 -22.38
CA GLN B 407 30.74 17.51 -23.81
C GLN B 407 30.47 18.82 -24.54
N LYS B 408 29.56 19.66 -24.02
CA LYS B 408 29.36 21.02 -24.56
C LYS B 408 28.97 21.03 -26.04
N TYR B 409 28.02 20.16 -26.42
CA TYR B 409 27.63 20.03 -27.83
C TYR B 409 27.21 21.36 -28.45
N ALA B 410 26.48 22.20 -27.70
CA ALA B 410 25.99 23.45 -28.28
C ALA B 410 27.12 24.38 -28.70
N ASP B 411 28.30 24.22 -28.11
CA ASP B 411 29.43 25.07 -28.44
C ASP B 411 30.26 24.51 -29.58
N LEU B 412 29.95 23.31 -30.06
CA LEU B 412 30.75 22.68 -31.10
C LEU B 412 30.43 23.29 -32.47
N PRO B 413 31.41 23.31 -33.37
CA PRO B 413 31.12 23.65 -34.77
C PRO B 413 30.18 22.62 -35.38
N ALA B 414 29.51 23.05 -36.46
CA ALA B 414 28.51 22.20 -37.12
C ALA B 414 29.06 20.82 -37.46
N ALA B 415 30.26 20.76 -38.02
CA ALA B 415 30.80 19.47 -38.46
C ALA B 415 31.04 18.54 -37.29
N GLU B 416 31.39 19.10 -36.12
CA GLU B 416 31.59 18.27 -34.94
C GLU B 416 30.26 17.87 -34.30
N LYS B 417 29.28 18.78 -34.31
CA LYS B 417 27.93 18.40 -33.90
C LYS B 417 27.47 17.16 -34.65
N ALA B 418 27.71 17.14 -35.97
CA ALA B 418 27.23 16.03 -36.80
C ALA B 418 27.79 14.69 -36.32
N LYS B 419 29.05 14.67 -35.88
CA LYS B 419 29.65 13.43 -35.39
C LYS B 419 29.09 12.99 -34.04
N ARG B 420 28.48 13.91 -33.29
CA ARG B 420 28.06 13.63 -31.93
C ARG B 420 26.55 13.58 -31.75
N LEU B 421 25.77 13.74 -32.82
CA LEU B 421 24.31 13.78 -32.71
C LEU B 421 23.80 12.34 -32.67
N SER B 422 23.56 11.83 -31.46
CA SER B 422 23.28 10.42 -31.26
C SER B 422 22.42 10.24 -30.01
N VAL B 423 21.88 9.04 -29.87
CA VAL B 423 21.25 8.60 -28.63
C VAL B 423 22.12 7.47 -28.11
N GLU B 424 22.77 7.70 -26.98
CA GLU B 424 23.76 6.77 -26.44
C GLU B 424 23.31 6.31 -25.06
N VAL B 425 23.92 5.23 -24.59
CA VAL B 425 23.70 4.73 -23.24
C VAL B 425 24.97 4.92 -22.42
N LEU B 426 24.82 4.87 -21.10
CA LEU B 426 25.98 4.94 -20.22
C LEU B 426 26.83 3.67 -20.34
N PRO B 427 28.15 3.80 -20.19
CA PRO B 427 29.00 2.61 -20.27
C PRO B 427 28.78 1.65 -19.10
N LYS B 428 29.09 0.38 -19.36
CA LYS B 428 28.82 -0.67 -18.38
C LYS B 428 29.56 -0.42 -17.08
N LYS B 429 30.80 0.09 -17.16
CA LYS B 429 31.56 0.35 -15.93
C LYS B 429 30.78 1.25 -14.99
N LEU B 430 30.14 2.31 -15.51
CA LEU B 430 29.37 3.20 -14.65
C LEU B 430 28.12 2.50 -14.12
N ASP B 431 27.47 1.69 -14.96
CA ASP B 431 26.32 0.91 -14.52
C ASP B 431 26.70 0.03 -13.34
N GLU B 432 27.88 -0.60 -13.41
CA GLU B 432 28.35 -1.44 -12.33
C GLU B 432 28.66 -0.63 -11.08
N GLU B 433 29.19 0.59 -11.26
CA GLU B 433 29.54 1.38 -10.08
C GLU B 433 28.29 1.85 -9.34
N VAL B 434 27.24 2.21 -10.09
CA VAL B 434 25.94 2.48 -9.48
C VAL B 434 25.46 1.25 -8.72
N ALA B 435 25.47 0.09 -9.38
CA ALA B 435 24.99 -1.13 -8.73
C ALA B 435 25.76 -1.42 -7.46
N LEU B 436 27.08 -1.21 -7.46
CA LEU B 436 27.85 -1.51 -6.25
C LEU B 436 27.39 -0.66 -5.06
N GLU B 437 27.15 0.63 -5.30
CA GLU B 437 26.63 1.45 -4.21
C GLU B 437 25.26 0.98 -3.74
N MET B 438 24.41 0.53 -4.65
CA MET B 438 23.10 0.02 -4.24
C MET B 438 23.26 -1.23 -3.37
N VAL B 439 24.14 -2.14 -3.79
CA VAL B 439 24.35 -3.37 -3.01
C VAL B 439 24.86 -3.04 -1.62
N LYS B 440 25.83 -2.12 -1.51
CA LYS B 440 26.30 -1.71 -0.19
C LYS B 440 25.18 -1.14 0.66
N GLY B 441 24.20 -0.46 0.03
CA GLY B 441 23.08 0.08 0.78
C GLY B 441 22.25 -1.00 1.46
N PHE B 442 22.22 -2.21 0.90
CA PHE B 442 21.54 -3.33 1.54
C PHE B 442 22.43 -4.03 2.56
N GLY B 443 23.68 -3.60 2.70
CA GLY B 443 24.66 -4.32 3.49
C GLY B 443 25.26 -5.51 2.76
N GLY B 444 25.02 -5.61 1.45
CA GLY B 444 25.59 -6.70 0.69
C GLY B 444 27.10 -6.56 0.54
N VAL B 445 27.78 -7.70 0.40
CA VAL B 445 29.23 -7.74 0.26
C VAL B 445 29.56 -8.43 -1.05
N VAL B 446 30.13 -7.67 -1.98
CA VAL B 446 30.53 -8.21 -3.28
C VAL B 446 31.92 -8.81 -3.13
N THR B 447 32.12 -10.00 -3.71
CA THR B 447 33.42 -10.66 -3.63
C THR B 447 34.35 -10.08 -4.70
N GLN B 448 35.64 -10.00 -4.39
CA GLN B 448 36.65 -9.57 -5.35
C GLN B 448 37.31 -10.78 -5.99
N LEU B 449 37.37 -10.79 -7.32
CA LEU B 449 38.05 -11.86 -8.03
C LEU B 449 39.53 -11.86 -7.67
N THR B 450 40.13 -13.06 -7.59
CA THR B 450 41.58 -13.13 -7.54
C THR B 450 42.13 -12.88 -8.93
N PRO B 451 43.41 -12.52 -9.04
CA PRO B 451 43.99 -12.35 -10.38
C PRO B 451 43.85 -13.60 -11.23
N LYS B 452 44.01 -14.79 -10.65
CA LYS B 452 43.84 -16.02 -11.42
C LYS B 452 42.41 -16.20 -11.91
N GLN B 453 41.42 -15.90 -11.05
CA GLN B 453 40.03 -16.02 -11.47
C GLN B 453 39.69 -15.01 -12.57
N ALA B 454 40.17 -13.77 -12.43
CA ALA B 454 39.90 -12.76 -13.46
C ALA B 454 40.49 -13.19 -14.80
N GLU B 455 41.71 -13.72 -14.79
CA GLU B 455 42.30 -14.25 -16.02
C GLU B 455 41.48 -15.42 -16.56
N TYR B 456 40.99 -16.28 -15.67
CA TYR B 456 40.27 -17.48 -16.11
C TYR B 456 39.01 -17.12 -16.88
N ILE B 457 38.26 -16.11 -16.43
CA ILE B 457 37.05 -15.72 -17.15
C ILE B 457 37.27 -14.55 -18.11
N GLY B 458 38.48 -14.00 -18.17
CA GLY B 458 38.78 -12.99 -19.16
C GLY B 458 38.30 -11.60 -18.83
N VAL B 459 38.32 -11.20 -17.56
CA VAL B 459 37.88 -9.87 -17.18
C VAL B 459 38.96 -9.24 -16.31
N SER B 460 38.86 -7.92 -16.17
CA SER B 460 39.66 -7.23 -15.19
C SER B 460 39.07 -7.43 -13.81
N VAL B 461 39.94 -7.48 -12.80
CA VAL B 461 39.45 -7.54 -11.42
C VAL B 461 38.49 -6.39 -11.13
N GLU B 462 38.68 -5.25 -11.78
CA GLU B 462 37.83 -4.09 -11.54
C GLU B 462 36.57 -4.06 -12.40
N GLY B 463 36.40 -5.04 -13.29
CA GLY B 463 35.31 -4.99 -14.24
C GLY B 463 35.64 -4.09 -15.42
N PRO B 464 34.73 -4.00 -16.40
CA PRO B 464 33.41 -4.65 -16.41
C PRO B 464 33.48 -6.17 -16.47
N PHE B 465 32.44 -6.78 -15.93
CA PHE B 465 32.41 -8.22 -15.71
C PHE B 465 31.67 -8.97 -16.80
N LYS B 466 30.92 -8.27 -17.64
CA LYS B 466 30.11 -8.90 -18.68
C LYS B 466 30.33 -8.17 -20.00
N PRO B 467 30.16 -8.86 -21.12
CA PRO B 467 30.19 -8.18 -22.41
C PRO B 467 28.94 -7.33 -22.58
N ASP B 468 29.01 -6.36 -23.50
CA ASP B 468 27.87 -5.47 -23.73
C ASP B 468 26.62 -6.22 -24.20
N THR B 469 26.78 -7.43 -24.74
CA THR B 469 25.62 -8.21 -25.19
C THR B 469 24.89 -8.90 -24.04
N TYR B 470 25.43 -8.88 -22.84
CA TYR B 470 24.85 -9.67 -21.76
C TYR B 470 23.52 -9.07 -21.32
N ARG B 471 22.55 -9.95 -21.06
CA ARG B 471 21.18 -9.51 -20.82
C ARG B 471 20.78 -9.49 -19.34
N TYR B 472 21.57 -10.10 -18.45
CA TYR B 472 21.23 -10.20 -17.03
C TYR B 472 19.85 -10.86 -16.84
PA NAD C . -1.70 -16.01 19.03
O1A NAD C . -2.23 -16.90 17.97
O2A NAD C . -1.92 -16.54 20.44
O5B NAD C . -0.17 -15.67 18.78
C5B NAD C . 0.65 -14.86 19.63
C4B NAD C . 1.97 -15.59 19.62
O4B NAD C . 2.96 -14.81 20.33
C3B NAD C . 1.97 -16.98 20.27
O3B NAD C . 2.25 -18.01 19.29
C2B NAD C . 3.01 -16.88 21.39
O2B NAD C . 3.81 -18.05 21.57
C1B NAD C . 3.87 -15.72 20.88
N9A NAD C . 4.66 -15.05 21.91
C8A NAD C . 4.25 -14.68 23.16
N7A NAD C . 5.16 -14.07 23.87
C5A NAD C . 6.26 -14.03 23.04
C6A NAD C . 7.55 -13.52 23.20
N6A NAD C . 8.00 -12.95 24.33
N1A NAD C . 8.41 -13.64 22.16
C2A NAD C . 7.99 -14.24 21.03
N3A NAD C . 6.79 -14.77 20.77
C4A NAD C . 5.97 -14.63 21.82
O3 NAD C . -2.50 -14.62 18.95
PN NAD C . -2.92 -13.86 17.61
O1N NAD C . -4.31 -14.23 17.26
O2N NAD C . -1.84 -13.98 16.61
O5D NAD C . -2.99 -12.34 18.13
C5D NAD C . -1.80 -11.63 18.53
C4D NAD C . -2.19 -10.23 18.91
O4D NAD C . -2.67 -9.52 17.74
C3D NAD C . -3.30 -10.11 19.95
O3D NAD C . -3.04 -8.96 20.75
C2D NAD C . -4.54 -9.91 19.06
O2D NAD C . -5.60 -9.31 19.79
C1D NAD C . -3.94 -9.01 18.00
N1N NAD C . -4.69 -8.95 16.72
C2N NAD C . -4.44 -7.87 15.95
C3N NAD C . -5.00 -7.77 14.69
C7N NAD C . -4.74 -6.58 13.79
O7N NAD C . -5.49 -6.39 12.82
N7N NAD C . -3.80 -5.71 14.16
C4N NAD C . -5.78 -8.82 14.22
C5N NAD C . -6.02 -9.92 15.03
C6N NAD C . -5.48 -9.96 16.29
K K D . -9.77 -1.58 5.12
P PO4 E . -26.24 1.82 1.39
O1 PO4 E . -26.64 3.18 0.82
O2 PO4 E . -26.12 0.82 0.23
O3 PO4 E . -24.88 2.00 2.05
O4 PO4 E . -27.24 1.32 2.39
C4 RAY F . -27.45 -21.57 15.92
C5 RAY F . -25.85 -20.29 17.50
C6 RAY F . -25.01 -19.20 17.48
C7 RAY F . -24.01 -19.08 18.42
C8 RAY F . -23.82 -20.03 19.39
C9 RAY F . -24.66 -21.13 19.43
C10 RAY F . -25.67 -21.26 18.47
F RAY F . -24.46 -22.07 20.39
N RAY F . -26.88 -20.35 16.49
O2 RAY F . -27.10 -22.65 16.26
C3 RAY F . -28.53 -21.42 14.85
O1 RAY F . -28.82 -20.06 14.76
C2 RAY F . -28.67 -19.52 13.47
C1 RAY F . -28.73 -17.99 13.55
O RAY F . -28.51 -17.58 14.87
C RAY F . -27.16 -17.34 15.17
S DMS G . -18.20 -34.81 11.47
O DMS G . -18.83 -33.58 11.97
C1 DMS G . -17.08 -35.26 12.76
C2 DMS G . -17.07 -34.49 10.17
N9 ADE H . -9.52 -5.18 12.62
C8 ADE H . -8.56 -5.26 11.65
N7 ADE H . -8.87 -4.59 10.56
C5 ADE H . -10.12 -4.09 10.82
C6 ADE H . -10.99 -3.28 10.06
N6 ADE H . -10.73 -2.88 8.81
N1 ADE H . -12.16 -2.91 10.63
C2 ADE H . -12.42 -3.30 11.88
N3 ADE H . -11.68 -4.07 12.68
C4 ADE H . -10.53 -4.42 12.08
P PO4 I . 23.46 0.91 16.46
O1 PO4 I . 24.73 1.69 16.22
O2 PO4 I . 23.71 -0.57 16.23
O3 PO4 I . 22.38 1.36 15.51
O4 PO4 I . 23.00 1.12 17.88
P PO4 J . -8.99 -7.63 15.23
O1 PO4 J . -8.62 -7.82 13.78
O2 PO4 J . -10.02 -6.54 15.31
O3 PO4 J . -7.79 -7.16 16.03
O4 PO4 J . -9.48 -8.95 15.81
PA NAD K . 8.89 -2.88 -22.70
O1A NAD K . 9.94 -3.61 -21.94
O2A NAD K . 9.18 -2.65 -24.13
O5B NAD K . 7.54 -3.68 -22.54
C5B NAD K . 6.28 -3.36 -23.14
C4B NAD K . 5.71 -4.69 -23.56
O4B NAD K . 4.36 -4.52 -24.05
C3B NAD K . 6.48 -5.42 -24.68
O3B NAD K . 7.04 -6.66 -24.25
C2B NAD K . 5.45 -5.55 -25.82
O2B NAD K . 5.58 -6.76 -26.53
C1B NAD K . 4.14 -5.50 -25.04
N9A NAD K . 2.98 -5.15 -25.83
C8A NAD K . 2.88 -4.15 -26.76
N7A NAD K . 1.70 -4.05 -27.32
C5A NAD K . 0.96 -5.05 -26.72
C6A NAD K . -0.39 -5.44 -26.84
N6A NAD K . -1.24 -4.90 -27.70
N1A NAD K . -0.83 -6.43 -26.04
C2A NAD K . 0.03 -7.01 -25.19
N3A NAD K . 1.33 -6.74 -25.00
C4A NAD K . 1.73 -5.74 -25.79
O3 NAD K . 8.65 -1.48 -21.99
PN NAD K . 8.67 -1.16 -20.43
O1N NAD K . 10.03 -0.72 -20.01
O2N NAD K . 8.04 -2.29 -19.70
O5D NAD K . 7.73 0.11 -20.35
C5D NAD K . 6.31 -0.01 -20.59
C4D NAD K . 5.68 1.35 -20.39
O4D NAD K . 5.74 1.68 -18.98
C3D NAD K . 6.35 2.50 -21.12
O3D NAD K . 5.32 3.43 -21.47
C2D NAD K . 7.28 3.08 -20.04
O2D NAD K . 7.67 4.43 -20.30
C1D NAD K . 6.38 2.93 -18.82
N1N NAD K . 7.06 2.91 -17.50
C2N NAD K . 6.30 3.17 -16.43
C3N NAD K . 6.85 3.08 -15.16
C7N NAD K . 6.05 3.41 -13.92
O7N NAD K . 6.66 3.67 -12.86
N7N NAD K . 4.74 3.57 -14.04
C4N NAD K . 8.17 2.65 -15.02
C5N NAD K . 8.92 2.38 -16.15
C6N NAD K . 8.36 2.53 -17.39
K K L . 7.92 6.83 -3.46
P PO4 M . 19.00 18.10 3.45
O1 PO4 M . 19.98 18.74 2.49
O2 PO4 M . 17.78 17.61 2.69
O3 PO4 M . 19.71 16.92 4.09
O4 PO4 M . 18.59 19.05 4.54
C4 RAY N . 33.06 8.61 -18.34
C5 RAY N . 30.93 8.29 -19.90
C6 RAY N . 29.95 8.77 -19.04
C7 RAY N . 28.65 8.91 -19.47
C8 RAY N . 28.31 8.57 -20.77
C9 RAY N . 29.26 8.10 -21.64
C10 RAY N . 30.57 7.95 -21.20
F RAY N . 28.91 7.78 -22.91
N RAY N . 32.31 8.09 -19.47
O2 RAY N . 34.19 8.26 -18.22
C3 RAY N . 32.52 9.59 -17.29
O1 RAY N . 32.76 9.15 -15.98
C2 RAY N . 31.72 9.47 -15.08
C1 RAY N . 31.57 10.99 -14.98
O RAY N . 30.48 11.46 -15.73
C RAY N . 29.47 10.55 -16.04
S DMS O . -20.69 -7.88 -17.42
O DMS O . -20.53 -7.05 -18.67
C1 DMS O . -19.72 -9.39 -17.64
C2 DMS O . -22.37 -8.53 -17.51
C1 GOL P . -7.34 16.29 -5.81
O1 GOL P . -7.49 17.61 -5.42
C2 GOL P . -5.85 16.10 -6.13
O2 GOL P . -5.68 15.27 -7.21
C3 GOL P . -5.22 15.50 -4.85
O3 GOL P . -5.30 14.11 -4.97
S DMS Q . 33.98 -8.30 -20.71
O DMS Q . 35.37 -8.59 -20.26
C1 DMS Q . 33.71 -9.04 -22.35
C2 DMS Q . 33.87 -6.55 -21.14
S DMS R . -3.06 25.12 -7.49
O DMS R . -3.50 25.98 -6.35
C1 DMS R . -1.38 25.61 -7.93
C2 DMS R . -3.97 25.59 -9.00
C1 GOL S . -32.07 5.21 -6.10
O1 GOL S . -33.12 5.57 -5.28
C2 GOL S . -30.91 4.91 -5.17
O2 GOL S . -29.86 4.27 -5.80
C3 GOL S . -30.52 6.28 -4.66
O3 GOL S . -30.36 6.11 -3.29
N9 ADE T . 8.97 6.97 -11.69
C8 ADE T . 8.45 5.94 -10.97
N7 ADE T . 8.44 6.17 -9.66
C5 ADE T . 8.99 7.43 -9.55
C6 ADE T . 9.27 8.25 -8.43
N6 ADE T . 9.02 7.88 -7.18
N1 ADE T . 9.82 9.46 -8.66
C2 ADE T . 10.10 9.82 -9.92
N3 ADE T . 9.88 9.15 -11.05
C4 ADE T . 9.34 7.93 -10.79
P PO4 U . 9.86 5.95 -15.02
O1 PO4 U . 10.88 5.53 -16.05
O2 PO4 U . 9.72 7.36 -14.61
O3 PO4 U . 9.84 5.05 -13.80
O4 PO4 U . 8.54 5.56 -15.70
P PO4 V . 15.53 -11.30 -12.22
O1 PO4 V . 15.78 -10.08 -13.09
O2 PO4 V . 15.19 -12.49 -13.08
O3 PO4 V . 16.77 -11.61 -11.42
O4 PO4 V . 14.38 -11.00 -11.29
#